data_1ZFH
# 
_entry.id   1ZFH 
# 
_audit_conform.dict_name       mmcif_pdbx.dic 
_audit_conform.dict_version    5.389 
_audit_conform.dict_location   http://mmcif.pdb.org/dictionaries/ascii/mmcif_pdbx.dic 
# 
loop_
_database_2.database_id 
_database_2.database_code 
_database_2.pdbx_database_accession 
_database_2.pdbx_DOI 
PDB   1ZFH         pdb_00001zfh 10.2210/pdb1zfh/pdb 
NDB   BD0085       ?            ?                   
RCSB  RCSB032659   ?            ?                   
WWPDB D_1000032659 ?            ?                   
# 
loop_
_pdbx_audit_revision_history.ordinal 
_pdbx_audit_revision_history.data_content_type 
_pdbx_audit_revision_history.major_revision 
_pdbx_audit_revision_history.minor_revision 
_pdbx_audit_revision_history.revision_date 
1 'Structure model' 1 0 2005-05-10 
2 'Structure model' 1 1 2008-04-30 
3 'Structure model' 1 2 2011-07-13 
4 'Structure model' 1 3 2017-10-11 
5 'Structure model' 1 4 2024-02-14 
6 'Structure model' 1 5 2024-04-03 
# 
_pdbx_audit_revision_details.ordinal             1 
_pdbx_audit_revision_details.revision_ordinal    1 
_pdbx_audit_revision_details.data_content_type   'Structure model' 
_pdbx_audit_revision_details.provider            repository 
_pdbx_audit_revision_details.type                'Initial release' 
_pdbx_audit_revision_details.description         ? 
_pdbx_audit_revision_details.details             ? 
# 
loop_
_pdbx_audit_revision_group.ordinal 
_pdbx_audit_revision_group.revision_ordinal 
_pdbx_audit_revision_group.data_content_type 
_pdbx_audit_revision_group.group 
1 2 'Structure model' 'Version format compliance' 
2 3 'Structure model' 'Version format compliance' 
3 4 'Structure model' 'Refinement description'    
4 5 'Structure model' 'Data collection'           
5 5 'Structure model' 'Database references'       
6 6 'Structure model' 'Refinement description'    
# 
loop_
_pdbx_audit_revision_category.ordinal 
_pdbx_audit_revision_category.revision_ordinal 
_pdbx_audit_revision_category.data_content_type 
_pdbx_audit_revision_category.category 
1 4 'Structure model' software                      
2 5 'Structure model' chem_comp_atom                
3 5 'Structure model' chem_comp_bond                
4 5 'Structure model' database_2                    
5 6 'Structure model' pdbx_initial_refinement_model 
# 
loop_
_pdbx_audit_revision_item.ordinal 
_pdbx_audit_revision_item.revision_ordinal 
_pdbx_audit_revision_item.data_content_type 
_pdbx_audit_revision_item.item 
1 5 'Structure model' '_database_2.pdbx_DOI'                
2 5 'Structure model' '_database_2.pdbx_database_accession' 
# 
_pdbx_database_status.entry_id                        1ZFH 
_pdbx_database_status.deposit_site                    RCSB 
_pdbx_database_status.process_site                    RCSB 
_pdbx_database_status.recvd_initial_deposition_date   2005-04-20 
_pdbx_database_status.status_code                     REL 
_pdbx_database_status.status_code_sf                  REL 
_pdbx_database_status.status_code_mr                  ? 
_pdbx_database_status.SG_entry                        ? 
_pdbx_database_status.pdb_format_compatible           Y 
_pdbx_database_status.status_code_cs                  ? 
_pdbx_database_status.methods_development_category    ? 
_pdbx_database_status.status_code_nmr_data            ? 
# 
loop_
_pdbx_database_related.db_name 
_pdbx_database_related.db_id 
_pdbx_database_related.details 
_pdbx_database_related.content_type 
PDB 1P4Y   . unspecified 
PDB 1P4Z   . unspecified 
PDB 1DCW   . unspecified 
PDB 1DCV   . unspecified 
NDB BD0028 . unspecified 
PDB 1ZEW   . unspecified 
PDB 1ZEX   . unspecified 
PDB 1ZEY   . unspecified 
PDB 1ZEZ   . unspecified 
PDB 1ZF0   . unspecified 
PDB 1ZF1   . unspecified 
PDB 1ZF2   . unspecified 
PDB 1ZF3   . unspecified 
PDB 1ZF4   . unspecified 
PDB 1ZF5   . unspecified 
PDB 1ZF6   . unspecified 
PDB 1ZF7   . unspecified 
PDB 1ZF8   . unspecified 
PDB 1ZF9   . unspecified 
PDB 1ZFA   . unspecified 
PDB 1ZFB   . unspecified 
PDB 1ZFC   . unspecified 
PDB 1ZFE   . unspecified 
PDB 1ZFF   . unspecified 
PDB 1ZFG   . unspecified 
PDB 1ZFM   . unspecified 
# 
loop_
_audit_author.name 
_audit_author.pdbx_ordinal 
'Hays, F.A.'      1 
'Teegarden, A.T.' 2 
'Jones, Z.J.R.'   3 
'Harms, M.'       4 
'Raup, D.'        5 
'Watson, J.'      6 
'Cavaliere, E.'   7 
'Ho, P.S.'        8 
# 
_citation.id                        primary 
_citation.title                     'How sequence defines structure: a crystallographic map of DNA structure and conformation.' 
_citation.journal_abbrev            Proc.Natl.Acad.Sci.Usa 
_citation.journal_volume            102 
_citation.page_first                7157 
_citation.page_last                 7162 
_citation.year                      2005 
_citation.journal_id_ASTM           PNASA6 
_citation.country                   US 
_citation.journal_id_ISSN           0027-8424 
_citation.journal_id_CSD            0040 
_citation.book_publisher            ? 
_citation.pdbx_database_id_PubMed   15870206 
_citation.pdbx_database_id_DOI      10.1073/pnas.0409455102 
# 
loop_
_citation_author.citation_id 
_citation_author.name 
_citation_author.ordinal 
_citation_author.identifier_ORCID 
primary 'Hays, F.A.'    1 ? 
primary 'Teegarden, A.' 2 ? 
primary 'Jones, Z.J.'   3 ? 
primary 'Harms, M.'     4 ? 
primary 'Raup, D.'      5 ? 
primary 'Watson, J.'    6 ? 
primary 'Cavaliere, E.' 7 ? 
primary 'Ho, P.S.'      8 ? 
# 
loop_
_entity.id 
_entity.type 
_entity.src_method 
_entity.pdbx_description 
_entity.formula_weight 
_entity.pdbx_number_of_molecules 
_entity.pdbx_ec 
_entity.pdbx_mutation 
_entity.pdbx_fragment 
_entity.details 
1 polymer syn "5'-D(*CP*CP*TP*AP*AP*TP*TP*AP*GP*G)-3'" 3044.016 2  ? ? ? ? 
2 water   nat water                                    18.015   21 ? ? ? ? 
# 
_entity_poly.entity_id                      1 
_entity_poly.type                           polydeoxyribonucleotide 
_entity_poly.nstd_linkage                   no 
_entity_poly.nstd_monomer                   no 
_entity_poly.pdbx_seq_one_letter_code       '(DC)(DC)(DT)(DA)(DA)(DT)(DT)(DA)(DG)(DG)' 
_entity_poly.pdbx_seq_one_letter_code_can   CCTAATTAGG 
_entity_poly.pdbx_strand_id                 A,B 
_entity_poly.pdbx_target_identifier         ? 
# 
_pdbx_entity_nonpoly.entity_id   2 
_pdbx_entity_nonpoly.name        water 
_pdbx_entity_nonpoly.comp_id     HOH 
# 
loop_
_entity_poly_seq.entity_id 
_entity_poly_seq.num 
_entity_poly_seq.mon_id 
_entity_poly_seq.hetero 
1 1  DC n 
1 2  DC n 
1 3  DT n 
1 4  DA n 
1 5  DA n 
1 6  DT n 
1 7  DT n 
1 8  DA n 
1 9  DG n 
1 10 DG n 
# 
_pdbx_entity_src_syn.entity_id              1 
_pdbx_entity_src_syn.pdbx_src_id            1 
_pdbx_entity_src_syn.pdbx_alt_source_flag   sample 
_pdbx_entity_src_syn.pdbx_beg_seq_num       ? 
_pdbx_entity_src_syn.pdbx_end_seq_num       ? 
_pdbx_entity_src_syn.organism_scientific    ? 
_pdbx_entity_src_syn.organism_common_name   ? 
_pdbx_entity_src_syn.ncbi_taxonomy_id       ? 
_pdbx_entity_src_syn.details                
;DNA WAS SYNTHESIZED ON AN APPLIED BIOSYSTEMS DNA SYNTHESIZER USING PHOSPHORAMIDITE CHEMISTRY, WITH THE TRITYL-PROTECTING GROUP LEFT INTACT AT THE 5'-TERMINAL NUCLEOTIDE THEN DEPROTECTED BY TREATMENT WITH 3% ACETIC ACID FOR FIFTEEN MINUTES, NEUTRALIZED WITH AMMONIUM HYDROXIDE, AND DESALTED ON A SIGMA G-25 SEPHADEX COLUMN.
;
# 
loop_
_chem_comp.id 
_chem_comp.type 
_chem_comp.mon_nstd_flag 
_chem_comp.name 
_chem_comp.pdbx_synonyms 
_chem_comp.formula 
_chem_comp.formula_weight 
DA  'DNA linking' y "2'-DEOXYADENOSINE-5'-MONOPHOSPHATE" ? 'C10 H14 N5 O6 P' 331.222 
DC  'DNA linking' y "2'-DEOXYCYTIDINE-5'-MONOPHOSPHATE"  ? 'C9 H14 N3 O7 P'  307.197 
DG  'DNA linking' y "2'-DEOXYGUANOSINE-5'-MONOPHOSPHATE" ? 'C10 H14 N5 O7 P' 347.221 
DT  'DNA linking' y "THYMIDINE-5'-MONOPHOSPHATE"         ? 'C10 H15 N2 O8 P' 322.208 
HOH non-polymer   . WATER                                ? 'H2 O'            18.015  
# 
loop_
_pdbx_poly_seq_scheme.asym_id 
_pdbx_poly_seq_scheme.entity_id 
_pdbx_poly_seq_scheme.seq_id 
_pdbx_poly_seq_scheme.mon_id 
_pdbx_poly_seq_scheme.ndb_seq_num 
_pdbx_poly_seq_scheme.pdb_seq_num 
_pdbx_poly_seq_scheme.auth_seq_num 
_pdbx_poly_seq_scheme.pdb_mon_id 
_pdbx_poly_seq_scheme.auth_mon_id 
_pdbx_poly_seq_scheme.pdb_strand_id 
_pdbx_poly_seq_scheme.pdb_ins_code 
_pdbx_poly_seq_scheme.hetero 
A 1 1  DC 1  1  1  DC C A . n 
A 1 2  DC 2  2  2  DC C A . n 
A 1 3  DT 3  3  3  DT T A . n 
A 1 4  DA 4  4  4  DA A A . n 
A 1 5  DA 5  5  5  DA A A . n 
A 1 6  DT 6  6  6  DT T A . n 
A 1 7  DT 7  7  7  DT T A . n 
A 1 8  DA 8  8  8  DA A A . n 
A 1 9  DG 9  9  9  DG G A . n 
A 1 10 DG 10 10 10 DG G A . n 
B 1 1  DC 1  11 11 DC C B . n 
B 1 2  DC 2  12 12 DC C B . n 
B 1 3  DT 3  13 13 DT T B . n 
B 1 4  DA 4  14 14 DA A B . n 
B 1 5  DA 5  15 15 DA A B . n 
B 1 6  DT 6  16 16 DT T B . n 
B 1 7  DT 7  17 17 DT T B . n 
B 1 8  DA 8  18 18 DA A B . n 
B 1 9  DG 9  19 19 DG G B . n 
B 1 10 DG 10 20 20 DG G B . n 
# 
loop_
_pdbx_nonpoly_scheme.asym_id 
_pdbx_nonpoly_scheme.entity_id 
_pdbx_nonpoly_scheme.mon_id 
_pdbx_nonpoly_scheme.ndb_seq_num 
_pdbx_nonpoly_scheme.pdb_seq_num 
_pdbx_nonpoly_scheme.auth_seq_num 
_pdbx_nonpoly_scheme.pdb_mon_id 
_pdbx_nonpoly_scheme.auth_mon_id 
_pdbx_nonpoly_scheme.pdb_strand_id 
_pdbx_nonpoly_scheme.pdb_ins_code 
C 2 HOH 1  21 21 HOH HOH A . 
C 2 HOH 2  23 23 HOH HOH A . 
C 2 HOH 3  24 24 HOH HOH A . 
C 2 HOH 4  25 25 HOH HOH A . 
C 2 HOH 5  28 28 HOH HOH A . 
C 2 HOH 6  29 29 HOH HOH A . 
C 2 HOH 7  35 35 HOH HOH A . 
C 2 HOH 8  36 36 HOH HOH A . 
C 2 HOH 9  37 37 HOH HOH A . 
C 2 HOH 10 38 38 HOH HOH A . 
C 2 HOH 11 42 42 HOH HOH A . 
C 2 HOH 12 45 45 HOH HOH A . 
D 2 HOH 1  22 22 HOH HOH B . 
D 2 HOH 2  31 31 HOH HOH B . 
D 2 HOH 3  32 32 HOH HOH B . 
D 2 HOH 4  33 33 HOH HOH B . 
D 2 HOH 5  39 39 HOH HOH B . 
D 2 HOH 6  40 40 HOH HOH B . 
D 2 HOH 7  41 41 HOH HOH B . 
D 2 HOH 8  43 43 HOH HOH B . 
D 2 HOH 9  44 44 HOH HOH B . 
# 
loop_
_software.name 
_software.version 
_software.date 
_software.type 
_software.contact_author 
_software.contact_author_email 
_software.classification 
_software.location 
_software.language 
_software.citation_id 
_software.pdbx_ordinal 
DENZO     .        ? package 'Zbyszek Otwinowski' zbyszek@mix.swmed.edu 'data reduction' 
http://www.lnls.br/infra/linhasluz/denzo-hkl.htm ?       ? 1 
SCALEPACK .        ? package 'Zbyszek Otwinowski' zbyszek@mix.swmed.edu 'data scaling'   
http://www.lnls.br/infra/linhasluz/denzo-hkl.htm ?       ? 2 
REFMAC    5.2.0003 ? program 'Murshudov, G.N.'    ccp4@dl.ac.uk         refinement       http://www.ccp4.ac.uk/main.html Fortran ? 
3 
EPMR      .        ? ?       ?                    ?                     phasing          ? ?       ? 4 
# 
_cell.entry_id           1ZFH 
_cell.length_a           61.807 
_cell.length_b           24.348 
_cell.length_c           41.852 
_cell.angle_alpha        90.00 
_cell.angle_beta         122.74 
_cell.angle_gamma        90.00 
_cell.Z_PDB              8 
_cell.pdbx_unique_axis   ? 
# 
_symmetry.entry_id                         1ZFH 
_symmetry.space_group_name_H-M             'C 1 2 1' 
_symmetry.pdbx_full_space_group_name_H-M   ? 
_symmetry.cell_setting                     ? 
_symmetry.Int_Tables_number                5 
_symmetry.space_group_name_Hall            ? 
# 
_exptl.entry_id          1ZFH 
_exptl.method            'X-RAY DIFFRACTION' 
_exptl.crystals_number   1 
# 
_exptl_crystal.id                    1 
_exptl_crystal.density_meas          ? 
_exptl_crystal.density_Matthews      2.18 
_exptl_crystal.density_percent_sol   43.46 
_exptl_crystal.description           ? 
_exptl_crystal.F_000                 ? 
_exptl_crystal.preparation           ? 
# 
_exptl_crystal_grow.crystal_id      1 
_exptl_crystal_grow.method          ? 
_exptl_crystal_grow.temp            298 
_exptl_crystal_grow.temp_details    ? 
_exptl_crystal_grow.pH              7.00 
_exptl_crystal_grow.pdbx_details    
'Na Cacodylate, CaCl2, Spermine, MPD in resevoir, pH 7.0, VAPOR DIFFUSION, SITTING DROP, temperature 298K, pH 7.00' 
_exptl_crystal_grow.pdbx_pH_range   . 
# 
loop_
_exptl_crystal_grow_comp.crystal_id 
_exptl_crystal_grow_comp.id 
_exptl_crystal_grow_comp.sol_id 
_exptl_crystal_grow_comp.name 
_exptl_crystal_grow_comp.conc 
_exptl_crystal_grow_comp.volume 
_exptl_crystal_grow_comp.details 
1 1 1 'Na Cacodylate' ? ? ? 
1 2 1 CaCl2           ? ? ? 
1 3 1 Spermine        ? ? ? 
1 4 1 MPD             ? ? ? 
1 5 1 H2O             ? ? ? 
1 6 2 'Na Cacodylate' ? ? ? 
1 7 2 CaCl2           ? ? ? 
1 8 2 MPD             ? ? ? 
1 9 2 H2O             ? ? ? 
# 
_diffrn.id                     1 
_diffrn.ambient_temp           103.0 
_diffrn.ambient_temp_details   ? 
_diffrn.crystal_id             1 
# 
_diffrn_detector.diffrn_id              1 
_diffrn_detector.detector               CCD 
_diffrn_detector.type                   'ADSC QUANTUM 4' 
_diffrn_detector.pdbx_collection_date   2004-02-26 
_diffrn_detector.details                ? 
# 
_diffrn_radiation.diffrn_id                        1 
_diffrn_radiation.wavelength_id                    1 
_diffrn_radiation.pdbx_monochromatic_or_laue_m_l   M 
_diffrn_radiation.monochromator                    ? 
_diffrn_radiation.pdbx_diffrn_protocol             'SINGLE WAVELENGTH' 
_diffrn_radiation.pdbx_scattering_type             x-ray 
# 
_diffrn_radiation_wavelength.id           1 
_diffrn_radiation_wavelength.wavelength   0.9795 
_diffrn_radiation_wavelength.wt           1.0 
# 
_diffrn_source.diffrn_id                   1 
_diffrn_source.source                      SYNCHROTRON 
_diffrn_source.type                        'APS BEAMLINE 14-BM-D' 
_diffrn_source.pdbx_synchrotron_site       APS 
_diffrn_source.pdbx_synchrotron_beamline   14-BM-D 
_diffrn_source.pdbx_wavelength             0.9795 
_diffrn_source.pdbx_wavelength_list        ? 
# 
_reflns.entry_id                     1ZFH 
_reflns.observed_criterion_sigma_I   0.000 
_reflns.observed_criterion_sigma_F   ? 
_reflns.d_resolution_low             99.000 
_reflns.d_resolution_high            2.500 
_reflns.number_obs                   1742 
_reflns.number_all                   ? 
_reflns.percent_possible_obs         92.6 
_reflns.pdbx_Rmerge_I_obs            0.038 
_reflns.pdbx_Rsym_value              ? 
_reflns.pdbx_netI_over_sigmaI        16.5000 
_reflns.B_iso_Wilson_estimate        ? 
_reflns.pdbx_redundancy              ? 
_reflns.R_free_details               ? 
_reflns.pdbx_chi_squared             ? 
_reflns.pdbx_scaling_rejects         ? 
_reflns.pdbx_diffrn_id               1 
_reflns.pdbx_ordinal                 1 
# 
_reflns_shell.d_res_high             2.50 
_reflns_shell.d_res_low              2.59 
_reflns_shell.percent_possible_all   67.4 
_reflns_shell.Rmerge_I_obs           0.403 
_reflns_shell.pdbx_Rsym_value        ? 
_reflns_shell.meanI_over_sigI_obs    1.300 
_reflns_shell.pdbx_redundancy        ? 
_reflns_shell.percent_possible_obs   ? 
_reflns_shell.number_unique_all      ? 
_reflns_shell.number_measured_all    ? 
_reflns_shell.number_measured_obs    ? 
_reflns_shell.number_unique_obs      ? 
_reflns_shell.pdbx_chi_squared       ? 
_reflns_shell.pdbx_diffrn_id         ? 
_reflns_shell.pdbx_ordinal           1 
# 
_refine.entry_id                                 1ZFH 
_refine.ls_number_reflns_obs                     1458 
_refine.ls_number_reflns_all                     ? 
_refine.pdbx_ls_sigma_I                          ? 
_refine.pdbx_ls_sigma_F                          ? 
_refine.pdbx_data_cutoff_high_absF               ? 
_refine.pdbx_data_cutoff_low_absF                ? 
_refine.pdbx_data_cutoff_high_rms_absF           ? 
_refine.ls_d_res_low                             17.60 
_refine.ls_d_res_high                            2.51 
_refine.ls_percent_reflns_obs                    100.0 
_refine.ls_R_factor_obs                          0.324 
_refine.ls_R_factor_all                          ? 
_refine.ls_R_factor_R_work                       0.32 
_refine.ls_R_factor_R_free                       0.359 
_refine.ls_R_factor_R_free_error                 ? 
_refine.ls_R_factor_R_free_error_details         ? 
_refine.ls_percent_reflns_R_free                 9.600 
_refine.ls_number_reflns_R_free                  155 
_refine.ls_number_parameters                     ? 
_refine.ls_number_restraints                     ? 
_refine.occupancy_min                            ? 
_refine.occupancy_max                            ? 
_refine.correlation_coeff_Fo_to_Fc               0.733 
_refine.correlation_coeff_Fo_to_Fc_free          0.697 
_refine.B_iso_mean                               4.87 
_refine.aniso_B[1][1]                            -0.94000 
_refine.aniso_B[2][2]                            0.05000 
_refine.aniso_B[3][3]                            1.21000 
_refine.aniso_B[1][2]                            0.00000 
_refine.aniso_B[1][3]                            0.29000 
_refine.aniso_B[2][3]                            0.00000 
_refine.solvent_model_details                    MASK 
_refine.solvent_model_param_ksol                 ? 
_refine.solvent_model_param_bsol                 ? 
_refine.pdbx_solvent_vdw_probe_radii             1.20 
_refine.pdbx_solvent_ion_probe_radii             0.80 
_refine.pdbx_solvent_shrinkage_radii             0.80 
_refine.pdbx_ls_cross_valid_method               THROUGHOUT 
_refine.details                                  
;STRUCTURE IS NOT REFINED TO ITS LOWEST R AND RFREE VALUES. PLEASE REFER TO CITATION ABOVE FOR DETAILS. COORDINATES WILL BE UPDATED AS A MORE REFINED MODEL IS OBTAINED.
;
_refine.pdbx_starting_model                      'NDB ENTRY BD0028' 
_refine.pdbx_method_to_determine_struct          'MOLECULAR REPLACEMENT' 
_refine.pdbx_isotropic_thermal_model             ? 
_refine.pdbx_stereochemistry_target_values       'MAXIMUM LIKELIHOOD' 
_refine.pdbx_stereochem_target_val_spec_case     ? 
_refine.pdbx_R_Free_selection_details            RANDOM 
_refine.pdbx_overall_ESU_R                       ? 
_refine.pdbx_overall_ESU_R_Free                  0.503 
_refine.overall_SU_ML                            0.341 
_refine.overall_SU_B                             14.397 
_refine.ls_redundancy_reflns_obs                 ? 
_refine.overall_SU_R_Cruickshank_DPI             ? 
_refine.overall_SU_R_free                        ? 
_refine.ls_wR_factor_R_free                      ? 
_refine.ls_wR_factor_R_work                      ? 
_refine.overall_FOM_free_R_set                   ? 
_refine.overall_FOM_work_R_set                   ? 
_refine.pdbx_refine_id                           'X-RAY DIFFRACTION' 
_refine.pdbx_diffrn_id                           1 
_refine.pdbx_TLS_residual_ADP_flag               ? 
_refine.pdbx_overall_phase_error                 ? 
_refine.pdbx_overall_SU_R_free_Cruickshank_DPI   ? 
_refine.pdbx_overall_SU_R_Blow_DPI               ? 
_refine.pdbx_overall_SU_R_free_Blow_DPI          ? 
# 
_refine_hist.pdbx_refine_id                   'X-RAY DIFFRACTION' 
_refine_hist.cycle_id                         LAST 
_refine_hist.pdbx_number_atoms_protein        0 
_refine_hist.pdbx_number_atoms_nucleic_acid   404 
_refine_hist.pdbx_number_atoms_ligand         0 
_refine_hist.number_atoms_solvent             21 
_refine_hist.number_atoms_total               425 
_refine_hist.d_res_high                       2.51 
_refine_hist.d_res_low                        17.60 
# 
loop_
_refine_ls_restr.type 
_refine_ls_restr.dev_ideal 
_refine_ls_restr.dev_ideal_target 
_refine_ls_restr.weight 
_refine_ls_restr.number 
_refine_ls_restr.pdbx_refine_id 
_refine_ls_restr.pdbx_restraint_function 
r_bond_refined_d             ?     ?     ? ?   'X-RAY DIFFRACTION' ? 
r_bond_other_d               ?     ?     ? ?   'X-RAY DIFFRACTION' ? 
r_angle_refined_deg          2.943 3.000 ? 694 'X-RAY DIFFRACTION' ? 
r_angle_other_deg            ?     ?     ? ?   'X-RAY DIFFRACTION' ? 
r_dihedral_angle_1_deg       ?     ?     ? ?   'X-RAY DIFFRACTION' ? 
r_dihedral_angle_2_deg       ?     ?     ? ?   'X-RAY DIFFRACTION' ? 
r_dihedral_angle_3_deg       ?     ?     ? ?   'X-RAY DIFFRACTION' ? 
r_dihedral_angle_4_deg       ?     ?     ? ?   'X-RAY DIFFRACTION' ? 
r_chiral_restr               0.135 0.200 ? 78  'X-RAY DIFFRACTION' ? 
r_gen_planes_refined         0.011 0.020 ? 204 'X-RAY DIFFRACTION' ? 
r_gen_planes_other           ?     ?     ? ?   'X-RAY DIFFRACTION' ? 
r_nbd_refined                0.367 0.200 ? 228 'X-RAY DIFFRACTION' ? 
r_nbd_other                  ?     ?     ? ?   'X-RAY DIFFRACTION' ? 
r_nbtor_refined              0.344 0.200 ? 252 'X-RAY DIFFRACTION' ? 
r_nbtor_other                ?     ?     ? ?   'X-RAY DIFFRACTION' ? 
r_xyhbond_nbd_refined        0.356 0.200 ? 21  'X-RAY DIFFRACTION' ? 
r_xyhbond_nbd_other          ?     ?     ? ?   'X-RAY DIFFRACTION' ? 
r_metal_ion_refined          ?     ?     ? ?   'X-RAY DIFFRACTION' ? 
r_metal_ion_other            ?     ?     ? ?   'X-RAY DIFFRACTION' ? 
r_symmetry_vdw_refined       0.470 0.200 ? 47  'X-RAY DIFFRACTION' ? 
r_symmetry_vdw_other         ?     ?     ? ?   'X-RAY DIFFRACTION' ? 
r_symmetry_hbond_refined     0.470 0.200 ? 5   'X-RAY DIFFRACTION' ? 
r_symmetry_hbond_other       ?     ?     ? ?   'X-RAY DIFFRACTION' ? 
r_symmetry_metal_ion_refined ?     ?     ? ?   'X-RAY DIFFRACTION' ? 
r_symmetry_metal_ion_other   ?     ?     ? ?   'X-RAY DIFFRACTION' ? 
r_mcbond_it                  ?     ?     ? ?   'X-RAY DIFFRACTION' ? 
r_mcbond_other               ?     ?     ? ?   'X-RAY DIFFRACTION' ? 
r_mcangle_it                 ?     ?     ? ?   'X-RAY DIFFRACTION' ? 
r_scbond_it                  0.881 3.000 ? 636 'X-RAY DIFFRACTION' ? 
r_scangle_it                 1.412 4.500 ? 694 'X-RAY DIFFRACTION' ? 
r_rigid_bond_restr           ?     ?     ? ?   'X-RAY DIFFRACTION' ? 
r_sphericity_free            ?     ?     ? ?   'X-RAY DIFFRACTION' ? 
r_sphericity_bonded          ?     ?     ? ?   'X-RAY DIFFRACTION' ? 
# 
_refine_ls_shell.pdbx_total_number_of_bins_used   20 
_refine_ls_shell.d_res_high                       2.51 
_refine_ls_shell.d_res_low                        2.57 
_refine_ls_shell.number_reflns_R_work             48 
_refine_ls_shell.R_factor_R_work                  0.365 
_refine_ls_shell.percent_reflns_obs               100.00 
_refine_ls_shell.R_factor_R_free                  0.775 
_refine_ls_shell.R_factor_R_free_error            ? 
_refine_ls_shell.percent_reflns_R_free            ? 
_refine_ls_shell.number_reflns_R_free             4 
_refine_ls_shell.redundancy_reflns_obs            ? 
_refine_ls_shell.pdbx_refine_id                   'X-RAY DIFFRACTION' 
_refine_ls_shell.number_reflns_all                ? 
_refine_ls_shell.R_factor_all                     ? 
# 
_struct.entry_id                  1ZFH 
_struct.title                     'TTA Duplex B-DNA' 
_struct.pdbx_model_details        ? 
_struct.pdbx_CASP_flag            ? 
_struct.pdbx_model_type_details   ? 
# 
_struct_keywords.text            'Crystallographic Screen, DNA Structure, Holliday Junction, Molecular Structure, DNA' 
_struct_keywords.entry_id        1ZFH 
_struct_keywords.pdbx_keywords   DNA 
# 
loop_
_struct_asym.id 
_struct_asym.pdbx_blank_PDB_chainid_flag 
_struct_asym.pdbx_modified 
_struct_asym.entity_id 
_struct_asym.details 
A N N 1 ? 
B N N 1 ? 
C N N 2 ? 
D N N 2 ? 
# 
_struct_ref.id                         1 
_struct_ref.entity_id                  1 
_struct_ref.db_name                    PDB 
_struct_ref.db_code                    1ZFH 
_struct_ref.pdbx_db_accession          1ZFH 
_struct_ref.pdbx_db_isoform            ? 
_struct_ref.pdbx_seq_one_letter_code   ? 
_struct_ref.pdbx_align_begin           ? 
# 
loop_
_struct_ref_seq.align_id 
_struct_ref_seq.ref_id 
_struct_ref_seq.pdbx_PDB_id_code 
_struct_ref_seq.pdbx_strand_id 
_struct_ref_seq.seq_align_beg 
_struct_ref_seq.pdbx_seq_align_beg_ins_code 
_struct_ref_seq.seq_align_end 
_struct_ref_seq.pdbx_seq_align_end_ins_code 
_struct_ref_seq.pdbx_db_accession 
_struct_ref_seq.db_align_beg 
_struct_ref_seq.pdbx_db_align_beg_ins_code 
_struct_ref_seq.db_align_end 
_struct_ref_seq.pdbx_db_align_end_ins_code 
_struct_ref_seq.pdbx_auth_seq_align_beg 
_struct_ref_seq.pdbx_auth_seq_align_end 
1 1 1ZFH A 1 ? 10 ? 1ZFH 1  ? 10 ? 1  10 
2 1 1ZFH B 1 ? 10 ? 1ZFH 11 ? 20 ? 11 20 
# 
_pdbx_struct_assembly.id                   1 
_pdbx_struct_assembly.details              author_defined_assembly 
_pdbx_struct_assembly.method_details       ? 
_pdbx_struct_assembly.oligomeric_details   dimeric 
_pdbx_struct_assembly.oligomeric_count     2 
# 
_pdbx_struct_assembly_gen.assembly_id       1 
_pdbx_struct_assembly_gen.oper_expression   1 
_pdbx_struct_assembly_gen.asym_id_list      A,B,C,D 
# 
_pdbx_struct_oper_list.id                   1 
_pdbx_struct_oper_list.type                 'identity operation' 
_pdbx_struct_oper_list.name                 1_555 
_pdbx_struct_oper_list.symmetry_operation   x,y,z 
_pdbx_struct_oper_list.matrix[1][1]         1.0000000000 
_pdbx_struct_oper_list.matrix[1][2]         0.0000000000 
_pdbx_struct_oper_list.matrix[1][3]         0.0000000000 
_pdbx_struct_oper_list.vector[1]            0.0000000000 
_pdbx_struct_oper_list.matrix[2][1]         0.0000000000 
_pdbx_struct_oper_list.matrix[2][2]         1.0000000000 
_pdbx_struct_oper_list.matrix[2][3]         0.0000000000 
_pdbx_struct_oper_list.vector[2]            0.0000000000 
_pdbx_struct_oper_list.matrix[3][1]         0.0000000000 
_pdbx_struct_oper_list.matrix[3][2]         0.0000000000 
_pdbx_struct_oper_list.matrix[3][3]         1.0000000000 
_pdbx_struct_oper_list.vector[3]            0.0000000000 
# 
_struct_biol.id                    1 
_struct_biol.pdbx_parent_biol_id   ? 
_struct_biol.details               ? 
# 
loop_
_struct_conn.id 
_struct_conn.conn_type_id 
_struct_conn.pdbx_leaving_atom_flag 
_struct_conn.pdbx_PDB_id 
_struct_conn.ptnr1_label_asym_id 
_struct_conn.ptnr1_label_comp_id 
_struct_conn.ptnr1_label_seq_id 
_struct_conn.ptnr1_label_atom_id 
_struct_conn.pdbx_ptnr1_label_alt_id 
_struct_conn.pdbx_ptnr1_PDB_ins_code 
_struct_conn.pdbx_ptnr1_standard_comp_id 
_struct_conn.ptnr1_symmetry 
_struct_conn.ptnr2_label_asym_id 
_struct_conn.ptnr2_label_comp_id 
_struct_conn.ptnr2_label_seq_id 
_struct_conn.ptnr2_label_atom_id 
_struct_conn.pdbx_ptnr2_label_alt_id 
_struct_conn.pdbx_ptnr2_PDB_ins_code 
_struct_conn.ptnr1_auth_asym_id 
_struct_conn.ptnr1_auth_comp_id 
_struct_conn.ptnr1_auth_seq_id 
_struct_conn.ptnr2_auth_asym_id 
_struct_conn.ptnr2_auth_comp_id 
_struct_conn.ptnr2_auth_seq_id 
_struct_conn.ptnr2_symmetry 
_struct_conn.pdbx_ptnr3_label_atom_id 
_struct_conn.pdbx_ptnr3_label_seq_id 
_struct_conn.pdbx_ptnr3_label_comp_id 
_struct_conn.pdbx_ptnr3_label_asym_id 
_struct_conn.pdbx_ptnr3_label_alt_id 
_struct_conn.pdbx_ptnr3_PDB_ins_code 
_struct_conn.details 
_struct_conn.pdbx_dist_value 
_struct_conn.pdbx_value_order 
_struct_conn.pdbx_role 
hydrog1  hydrog ? ? A DC 1  O2 ? ? ? 1_555 B DG 10 N1 ? ? A DC 1  B DG 20 1_555 ? ? ? ? ? ? 'DC-DG PAIR' ? ? ? 
hydrog2  hydrog ? ? A DC 2  N3 ? ? ? 1_555 B DG 9  N1 ? ? A DC 2  B DG 19 1_555 ? ? ? ? ? ? WATSON-CRICK ? ? ? 
hydrog3  hydrog ? ? A DC 2  N4 ? ? ? 1_555 B DG 9  O6 ? ? A DC 2  B DG 19 1_555 ? ? ? ? ? ? WATSON-CRICK ? ? ? 
hydrog4  hydrog ? ? A DC 2  O2 ? ? ? 1_555 B DG 9  N2 ? ? A DC 2  B DG 19 1_555 ? ? ? ? ? ? WATSON-CRICK ? ? ? 
hydrog5  hydrog ? ? A DT 3  N3 ? ? ? 1_555 B DA 8  N1 ? ? A DT 3  B DA 18 1_555 ? ? ? ? ? ? WATSON-CRICK ? ? ? 
hydrog6  hydrog ? ? A DT 3  O4 ? ? ? 1_555 B DA 8  N6 ? ? A DT 3  B DA 18 1_555 ? ? ? ? ? ? WATSON-CRICK ? ? ? 
hydrog7  hydrog ? ? A DA 4  N1 ? ? ? 1_555 B DT 7  N3 ? ? A DA 4  B DT 17 1_555 ? ? ? ? ? ? WATSON-CRICK ? ? ? 
hydrog8  hydrog ? ? A DA 4  N6 ? ? ? 1_555 B DT 7  O4 ? ? A DA 4  B DT 17 1_555 ? ? ? ? ? ? WATSON-CRICK ? ? ? 
hydrog9  hydrog ? ? A DT 6  N3 ? ? ? 1_555 B DA 5  N1 ? ? A DT 6  B DA 15 1_555 ? ? ? ? ? ? 'DT-DA PAIR' ? ? ? 
hydrog10 hydrog ? ? A DT 7  N3 ? ? ? 1_555 B DA 4  N1 ? ? A DT 7  B DA 14 1_555 ? ? ? ? ? ? WATSON-CRICK ? ? ? 
hydrog11 hydrog ? ? A DT 7  O4 ? ? ? 1_555 B DA 4  N6 ? ? A DT 7  B DA 14 1_555 ? ? ? ? ? ? WATSON-CRICK ? ? ? 
hydrog12 hydrog ? ? A DA 8  N1 ? ? ? 1_555 B DT 3  N3 ? ? A DA 8  B DT 13 1_555 ? ? ? ? ? ? WATSON-CRICK ? ? ? 
hydrog13 hydrog ? ? A DA 8  N6 ? ? ? 1_555 B DT 3  O4 ? ? A DA 8  B DT 13 1_555 ? ? ? ? ? ? WATSON-CRICK ? ? ? 
hydrog14 hydrog ? ? A DG 9  N1 ? ? ? 1_555 B DC 2  O2 ? ? A DG 9  B DC 12 1_555 ? ? ? ? ? ? 'DG-DC PAIR' ? ? ? 
hydrog15 hydrog ? ? A DG 10 N1 ? ? ? 1_555 B DC 1  N3 ? ? A DG 10 B DC 11 1_555 ? ? ? ? ? ? WATSON-CRICK ? ? ? 
hydrog16 hydrog ? ? A DG 10 N2 ? ? ? 1_555 B DC 1  O2 ? ? A DG 10 B DC 11 1_555 ? ? ? ? ? ? WATSON-CRICK ? ? ? 
hydrog17 hydrog ? ? A DG 10 O6 ? ? ? 1_555 B DC 1  N4 ? ? A DG 10 B DC 11 1_555 ? ? ? ? ? ? WATSON-CRICK ? ? ? 
# 
_struct_conn_type.id          hydrog 
_struct_conn_type.criteria    ? 
_struct_conn_type.reference   ? 
# 
_pdbx_validate_symm_contact.id                1 
_pdbx_validate_symm_contact.PDB_model_num     1 
_pdbx_validate_symm_contact.auth_atom_id_1    O2 
_pdbx_validate_symm_contact.auth_asym_id_1    B 
_pdbx_validate_symm_contact.auth_comp_id_1    DC 
_pdbx_validate_symm_contact.auth_seq_id_1     11 
_pdbx_validate_symm_contact.PDB_ins_code_1    ? 
_pdbx_validate_symm_contact.label_alt_id_1    ? 
_pdbx_validate_symm_contact.site_symmetry_1   1_555 
_pdbx_validate_symm_contact.auth_atom_id_2    O 
_pdbx_validate_symm_contact.auth_asym_id_2    B 
_pdbx_validate_symm_contact.auth_comp_id_2    HOH 
_pdbx_validate_symm_contact.auth_seq_id_2     31 
_pdbx_validate_symm_contact.PDB_ins_code_2    ? 
_pdbx_validate_symm_contact.label_alt_id_2    ? 
_pdbx_validate_symm_contact.site_symmetry_2   3_545 
_pdbx_validate_symm_contact.dist              2.05 
# 
loop_
_pdbx_validate_rmsd_bond.id 
_pdbx_validate_rmsd_bond.PDB_model_num 
_pdbx_validate_rmsd_bond.auth_atom_id_1 
_pdbx_validate_rmsd_bond.auth_asym_id_1 
_pdbx_validate_rmsd_bond.auth_comp_id_1 
_pdbx_validate_rmsd_bond.auth_seq_id_1 
_pdbx_validate_rmsd_bond.PDB_ins_code_1 
_pdbx_validate_rmsd_bond.label_alt_id_1 
_pdbx_validate_rmsd_bond.auth_atom_id_2 
_pdbx_validate_rmsd_bond.auth_asym_id_2 
_pdbx_validate_rmsd_bond.auth_comp_id_2 
_pdbx_validate_rmsd_bond.auth_seq_id_2 
_pdbx_validate_rmsd_bond.PDB_ins_code_2 
_pdbx_validate_rmsd_bond.label_alt_id_2 
_pdbx_validate_rmsd_bond.bond_value 
_pdbx_validate_rmsd_bond.bond_target_value 
_pdbx_validate_rmsd_bond.bond_deviation 
_pdbx_validate_rmsd_bond.bond_standard_deviation 
_pdbx_validate_rmsd_bond.linker_flag 
1 1 "O3'" A DT 3  ? ? "C3'" A DT 3  ? ? 1.372 1.419 -0.047 0.006 N 
2 1 "O3'" B DG 19 ? ? "C3'" B DG 19 ? ? 1.353 1.419 -0.066 0.006 N 
# 
loop_
_pdbx_validate_rmsd_angle.id 
_pdbx_validate_rmsd_angle.PDB_model_num 
_pdbx_validate_rmsd_angle.auth_atom_id_1 
_pdbx_validate_rmsd_angle.auth_asym_id_1 
_pdbx_validate_rmsd_angle.auth_comp_id_1 
_pdbx_validate_rmsd_angle.auth_seq_id_1 
_pdbx_validate_rmsd_angle.PDB_ins_code_1 
_pdbx_validate_rmsd_angle.label_alt_id_1 
_pdbx_validate_rmsd_angle.auth_atom_id_2 
_pdbx_validate_rmsd_angle.auth_asym_id_2 
_pdbx_validate_rmsd_angle.auth_comp_id_2 
_pdbx_validate_rmsd_angle.auth_seq_id_2 
_pdbx_validate_rmsd_angle.PDB_ins_code_2 
_pdbx_validate_rmsd_angle.label_alt_id_2 
_pdbx_validate_rmsd_angle.auth_atom_id_3 
_pdbx_validate_rmsd_angle.auth_asym_id_3 
_pdbx_validate_rmsd_angle.auth_comp_id_3 
_pdbx_validate_rmsd_angle.auth_seq_id_3 
_pdbx_validate_rmsd_angle.PDB_ins_code_3 
_pdbx_validate_rmsd_angle.label_alt_id_3 
_pdbx_validate_rmsd_angle.angle_value 
_pdbx_validate_rmsd_angle.angle_target_value 
_pdbx_validate_rmsd_angle.angle_deviation 
_pdbx_validate_rmsd_angle.angle_standard_deviation 
_pdbx_validate_rmsd_angle.linker_flag 
1  1 "O4'" A DC 1  ? ? "C1'" A DC 1  ? ? N1    A DC 1  ? ? 113.47 108.30 5.17  0.30 N 
2  1 "O4'" A DC 2  ? ? "C1'" A DC 2  ? ? N1    A DC 2  ? ? 114.02 108.30 5.72  0.30 N 
3  1 "O4'" A DT 3  ? ? "C4'" A DT 3  ? ? "C3'" A DT 3  ? ? 102.03 104.50 -2.47 0.40 N 
4  1 "C5'" A DT 3  ? ? "C4'" A DT 3  ? ? "O4'" A DT 3  ? ? 116.73 109.80 6.93  1.10 N 
5  1 "O4'" A DT 3  ? ? "C1'" A DT 3  ? ? "C2'" A DT 3  ? ? 97.93  105.90 -7.97 0.80 N 
6  1 N1    A DT 3  ? ? "C1'" A DT 3  ? ? "C2'" A DT 3  ? ? 125.88 114.30 11.58 1.40 N 
7  1 "O4'" A DT 3  ? ? "C1'" A DT 3  ? ? N1    A DT 3  ? ? 100.52 108.00 -7.48 0.70 N 
8  1 "C3'" A DA 4  ? ? "O3'" A DA 4  ? ? P     A DA 5  ? ? 128.11 119.70 8.41  1.20 Y 
9  1 "C3'" A DA 5  ? ? "C2'" A DA 5  ? ? "C1'" A DA 5  ? ? 94.58  102.40 -7.82 0.80 N 
10 1 "O4'" A DA 5  ? ? "C1'" A DA 5  ? ? N9    A DA 5  ? ? 110.60 108.30 2.30  0.30 N 
11 1 C5    A DA 5  ? ? C6    A DA 5  ? ? N1    A DA 5  ? ? 114.48 117.70 -3.22 0.50 N 
12 1 N1    A DT 6  ? ? "C1'" A DT 6  ? ? "C2'" A DT 6  ? ? 123.17 114.30 8.87  1.40 N 
13 1 C6    A DT 6  ? ? C5    A DT 6  ? ? C7    A DT 6  ? ? 118.95 122.90 -3.95 0.60 N 
14 1 "O4'" A DT 7  ? ? "C1'" A DT 7  ? ? "C2'" A DT 7  ? ? 110.92 106.80 4.12  0.50 N 
15 1 C6    A DT 7  ? ? C5    A DT 7  ? ? C7    A DT 7  ? ? 118.80 122.90 -4.10 0.60 N 
16 1 "O4'" A DA 8  ? ? "C1'" A DA 8  ? ? N9    A DA 8  ? ? 116.07 108.30 7.77  0.30 N 
17 1 C8    A DA 8  ? ? N9    A DA 8  ? ? C4    A DA 8  ? ? 102.86 105.80 -2.94 0.40 N 
18 1 "O4'" A DG 9  ? ? "C1'" A DG 9  ? ? N9    A DG 9  ? ? 114.90 108.30 6.60  0.30 N 
19 1 C8    A DG 9  ? ? N9    A DG 9  ? ? C4    A DG 9  ? ? 103.10 106.40 -3.30 0.40 N 
20 1 C8    A DG 10 ? ? N9    A DG 10 ? ? C4    A DG 10 ? ? 103.95 106.40 -2.45 0.40 N 
21 1 "O4'" B DC 11 ? ? "C1'" B DC 11 ? ? N1    B DC 11 ? ? 110.46 108.30 2.16  0.30 N 
22 1 "O4'" B DC 12 ? ? "C4'" B DC 12 ? ? "C3'" B DC 12 ? ? 101.45 104.50 -3.05 0.40 N 
23 1 "O4'" B DC 12 ? ? "C1'" B DC 12 ? ? "C2'" B DC 12 ? ? 100.19 105.90 -5.71 0.80 N 
24 1 N1    B DC 12 ? ? C2    B DC 12 ? ? O2    B DC 12 ? ? 123.32 118.90 4.42  0.60 N 
25 1 N3    B DC 12 ? ? C2    B DC 12 ? ? O2    B DC 12 ? ? 116.84 121.90 -5.06 0.70 N 
26 1 "C3'" B DT 13 ? ? "C2'" B DT 13 ? ? "C1'" B DT 13 ? ? 97.60  102.40 -4.80 0.80 N 
27 1 "O4'" B DT 13 ? ? "C1'" B DT 13 ? ? "C2'" B DT 13 ? ? 95.98  105.90 -9.92 0.80 N 
28 1 "O4'" B DT 13 ? ? "C1'" B DT 13 ? ? N1    B DT 13 ? ? 101.36 108.00 -6.64 0.70 N 
29 1 "O4'" B DA 14 ? ? "C1'" B DA 14 ? ? N9    B DA 14 ? ? 113.31 108.30 5.01  0.30 N 
30 1 "O4'" B DA 15 ? ? "C1'" B DA 15 ? ? N9    B DA 15 ? ? 111.79 108.30 3.49  0.30 N 
31 1 C8    B DA 15 ? ? N9    B DA 15 ? ? C4    B DA 15 ? ? 103.36 105.80 -2.44 0.40 N 
32 1 "C3'" B DA 15 ? ? "O3'" B DA 15 ? ? P     B DT 16 ? ? 127.73 119.70 8.03  1.20 Y 
33 1 "O4'" B DT 16 ? ? "C1'" B DT 16 ? ? N1    B DT 16 ? ? 110.40 108.30 2.10  0.30 N 
34 1 N3    B DT 16 ? ? C2    B DT 16 ? ? O2    B DT 16 ? ? 118.55 122.30 -3.75 0.60 N 
35 1 C5    B DT 16 ? ? C4    B DT 16 ? ? O4    B DT 16 ? ? 119.17 124.90 -5.73 0.70 N 
36 1 N3    B DT 17 ? ? C2    B DT 17 ? ? O2    B DT 17 ? ? 117.86 122.30 -4.44 0.60 N 
37 1 "O5'" B DG 20 ? ? "C5'" B DG 20 ? ? "C4'" B DG 20 ? ? 103.59 109.40 -5.81 0.80 N 
38 1 "O4'" B DG 20 ? ? "C1'" B DG 20 ? ? N9    B DG 20 ? ? 117.08 108.30 8.78  0.30 N 
39 1 C8    B DG 20 ? ? N9    B DG 20 ? ? C4    B DG 20 ? ? 103.77 106.40 -2.63 0.40 N 
# 
loop_
_chem_comp_atom.comp_id 
_chem_comp_atom.atom_id 
_chem_comp_atom.type_symbol 
_chem_comp_atom.pdbx_aromatic_flag 
_chem_comp_atom.pdbx_stereo_config 
_chem_comp_atom.pdbx_ordinal 
DA  OP3    O N N 1   
DA  P      P N N 2   
DA  OP1    O N N 3   
DA  OP2    O N N 4   
DA  "O5'"  O N N 5   
DA  "C5'"  C N N 6   
DA  "C4'"  C N R 7   
DA  "O4'"  O N N 8   
DA  "C3'"  C N S 9   
DA  "O3'"  O N N 10  
DA  "C2'"  C N N 11  
DA  "C1'"  C N R 12  
DA  N9     N Y N 13  
DA  C8     C Y N 14  
DA  N7     N Y N 15  
DA  C5     C Y N 16  
DA  C6     C Y N 17  
DA  N6     N N N 18  
DA  N1     N Y N 19  
DA  C2     C Y N 20  
DA  N3     N Y N 21  
DA  C4     C Y N 22  
DA  HOP3   H N N 23  
DA  HOP2   H N N 24  
DA  "H5'"  H N N 25  
DA  "H5''" H N N 26  
DA  "H4'"  H N N 27  
DA  "H3'"  H N N 28  
DA  "HO3'" H N N 29  
DA  "H2'"  H N N 30  
DA  "H2''" H N N 31  
DA  "H1'"  H N N 32  
DA  H8     H N N 33  
DA  H61    H N N 34  
DA  H62    H N N 35  
DA  H2     H N N 36  
DC  OP3    O N N 37  
DC  P      P N N 38  
DC  OP1    O N N 39  
DC  OP2    O N N 40  
DC  "O5'"  O N N 41  
DC  "C5'"  C N N 42  
DC  "C4'"  C N R 43  
DC  "O4'"  O N N 44  
DC  "C3'"  C N S 45  
DC  "O3'"  O N N 46  
DC  "C2'"  C N N 47  
DC  "C1'"  C N R 48  
DC  N1     N N N 49  
DC  C2     C N N 50  
DC  O2     O N N 51  
DC  N3     N N N 52  
DC  C4     C N N 53  
DC  N4     N N N 54  
DC  C5     C N N 55  
DC  C6     C N N 56  
DC  HOP3   H N N 57  
DC  HOP2   H N N 58  
DC  "H5'"  H N N 59  
DC  "H5''" H N N 60  
DC  "H4'"  H N N 61  
DC  "H3'"  H N N 62  
DC  "HO3'" H N N 63  
DC  "H2'"  H N N 64  
DC  "H2''" H N N 65  
DC  "H1'"  H N N 66  
DC  H41    H N N 67  
DC  H42    H N N 68  
DC  H5     H N N 69  
DC  H6     H N N 70  
DG  OP3    O N N 71  
DG  P      P N N 72  
DG  OP1    O N N 73  
DG  OP2    O N N 74  
DG  "O5'"  O N N 75  
DG  "C5'"  C N N 76  
DG  "C4'"  C N R 77  
DG  "O4'"  O N N 78  
DG  "C3'"  C N S 79  
DG  "O3'"  O N N 80  
DG  "C2'"  C N N 81  
DG  "C1'"  C N R 82  
DG  N9     N Y N 83  
DG  C8     C Y N 84  
DG  N7     N Y N 85  
DG  C5     C Y N 86  
DG  C6     C N N 87  
DG  O6     O N N 88  
DG  N1     N N N 89  
DG  C2     C N N 90  
DG  N2     N N N 91  
DG  N3     N N N 92  
DG  C4     C Y N 93  
DG  HOP3   H N N 94  
DG  HOP2   H N N 95  
DG  "H5'"  H N N 96  
DG  "H5''" H N N 97  
DG  "H4'"  H N N 98  
DG  "H3'"  H N N 99  
DG  "HO3'" H N N 100 
DG  "H2'"  H N N 101 
DG  "H2''" H N N 102 
DG  "H1'"  H N N 103 
DG  H8     H N N 104 
DG  H1     H N N 105 
DG  H21    H N N 106 
DG  H22    H N N 107 
DT  OP3    O N N 108 
DT  P      P N N 109 
DT  OP1    O N N 110 
DT  OP2    O N N 111 
DT  "O5'"  O N N 112 
DT  "C5'"  C N N 113 
DT  "C4'"  C N R 114 
DT  "O4'"  O N N 115 
DT  "C3'"  C N S 116 
DT  "O3'"  O N N 117 
DT  "C2'"  C N N 118 
DT  "C1'"  C N R 119 
DT  N1     N N N 120 
DT  C2     C N N 121 
DT  O2     O N N 122 
DT  N3     N N N 123 
DT  C4     C N N 124 
DT  O4     O N N 125 
DT  C5     C N N 126 
DT  C7     C N N 127 
DT  C6     C N N 128 
DT  HOP3   H N N 129 
DT  HOP2   H N N 130 
DT  "H5'"  H N N 131 
DT  "H5''" H N N 132 
DT  "H4'"  H N N 133 
DT  "H3'"  H N N 134 
DT  "HO3'" H N N 135 
DT  "H2'"  H N N 136 
DT  "H2''" H N N 137 
DT  "H1'"  H N N 138 
DT  H3     H N N 139 
DT  H71    H N N 140 
DT  H72    H N N 141 
DT  H73    H N N 142 
DT  H6     H N N 143 
HOH O      O N N 144 
HOH H1     H N N 145 
HOH H2     H N N 146 
# 
loop_
_chem_comp_bond.comp_id 
_chem_comp_bond.atom_id_1 
_chem_comp_bond.atom_id_2 
_chem_comp_bond.value_order 
_chem_comp_bond.pdbx_aromatic_flag 
_chem_comp_bond.pdbx_stereo_config 
_chem_comp_bond.pdbx_ordinal 
DA  OP3   P      sing N N 1   
DA  OP3   HOP3   sing N N 2   
DA  P     OP1    doub N N 3   
DA  P     OP2    sing N N 4   
DA  P     "O5'"  sing N N 5   
DA  OP2   HOP2   sing N N 6   
DA  "O5'" "C5'"  sing N N 7   
DA  "C5'" "C4'"  sing N N 8   
DA  "C5'" "H5'"  sing N N 9   
DA  "C5'" "H5''" sing N N 10  
DA  "C4'" "O4'"  sing N N 11  
DA  "C4'" "C3'"  sing N N 12  
DA  "C4'" "H4'"  sing N N 13  
DA  "O4'" "C1'"  sing N N 14  
DA  "C3'" "O3'"  sing N N 15  
DA  "C3'" "C2'"  sing N N 16  
DA  "C3'" "H3'"  sing N N 17  
DA  "O3'" "HO3'" sing N N 18  
DA  "C2'" "C1'"  sing N N 19  
DA  "C2'" "H2'"  sing N N 20  
DA  "C2'" "H2''" sing N N 21  
DA  "C1'" N9     sing N N 22  
DA  "C1'" "H1'"  sing N N 23  
DA  N9    C8     sing Y N 24  
DA  N9    C4     sing Y N 25  
DA  C8    N7     doub Y N 26  
DA  C8    H8     sing N N 27  
DA  N7    C5     sing Y N 28  
DA  C5    C6     sing Y N 29  
DA  C5    C4     doub Y N 30  
DA  C6    N6     sing N N 31  
DA  C6    N1     doub Y N 32  
DA  N6    H61    sing N N 33  
DA  N6    H62    sing N N 34  
DA  N1    C2     sing Y N 35  
DA  C2    N3     doub Y N 36  
DA  C2    H2     sing N N 37  
DA  N3    C4     sing Y N 38  
DC  OP3   P      sing N N 39  
DC  OP3   HOP3   sing N N 40  
DC  P     OP1    doub N N 41  
DC  P     OP2    sing N N 42  
DC  P     "O5'"  sing N N 43  
DC  OP2   HOP2   sing N N 44  
DC  "O5'" "C5'"  sing N N 45  
DC  "C5'" "C4'"  sing N N 46  
DC  "C5'" "H5'"  sing N N 47  
DC  "C5'" "H5''" sing N N 48  
DC  "C4'" "O4'"  sing N N 49  
DC  "C4'" "C3'"  sing N N 50  
DC  "C4'" "H4'"  sing N N 51  
DC  "O4'" "C1'"  sing N N 52  
DC  "C3'" "O3'"  sing N N 53  
DC  "C3'" "C2'"  sing N N 54  
DC  "C3'" "H3'"  sing N N 55  
DC  "O3'" "HO3'" sing N N 56  
DC  "C2'" "C1'"  sing N N 57  
DC  "C2'" "H2'"  sing N N 58  
DC  "C2'" "H2''" sing N N 59  
DC  "C1'" N1     sing N N 60  
DC  "C1'" "H1'"  sing N N 61  
DC  N1    C2     sing N N 62  
DC  N1    C6     sing N N 63  
DC  C2    O2     doub N N 64  
DC  C2    N3     sing N N 65  
DC  N3    C4     doub N N 66  
DC  C4    N4     sing N N 67  
DC  C4    C5     sing N N 68  
DC  N4    H41    sing N N 69  
DC  N4    H42    sing N N 70  
DC  C5    C6     doub N N 71  
DC  C5    H5     sing N N 72  
DC  C6    H6     sing N N 73  
DG  OP3   P      sing N N 74  
DG  OP3   HOP3   sing N N 75  
DG  P     OP1    doub N N 76  
DG  P     OP2    sing N N 77  
DG  P     "O5'"  sing N N 78  
DG  OP2   HOP2   sing N N 79  
DG  "O5'" "C5'"  sing N N 80  
DG  "C5'" "C4'"  sing N N 81  
DG  "C5'" "H5'"  sing N N 82  
DG  "C5'" "H5''" sing N N 83  
DG  "C4'" "O4'"  sing N N 84  
DG  "C4'" "C3'"  sing N N 85  
DG  "C4'" "H4'"  sing N N 86  
DG  "O4'" "C1'"  sing N N 87  
DG  "C3'" "O3'"  sing N N 88  
DG  "C3'" "C2'"  sing N N 89  
DG  "C3'" "H3'"  sing N N 90  
DG  "O3'" "HO3'" sing N N 91  
DG  "C2'" "C1'"  sing N N 92  
DG  "C2'" "H2'"  sing N N 93  
DG  "C2'" "H2''" sing N N 94  
DG  "C1'" N9     sing N N 95  
DG  "C1'" "H1'"  sing N N 96  
DG  N9    C8     sing Y N 97  
DG  N9    C4     sing Y N 98  
DG  C8    N7     doub Y N 99  
DG  C8    H8     sing N N 100 
DG  N7    C5     sing Y N 101 
DG  C5    C6     sing N N 102 
DG  C5    C4     doub Y N 103 
DG  C6    O6     doub N N 104 
DG  C6    N1     sing N N 105 
DG  N1    C2     sing N N 106 
DG  N1    H1     sing N N 107 
DG  C2    N2     sing N N 108 
DG  C2    N3     doub N N 109 
DG  N2    H21    sing N N 110 
DG  N2    H22    sing N N 111 
DG  N3    C4     sing N N 112 
DT  OP3   P      sing N N 113 
DT  OP3   HOP3   sing N N 114 
DT  P     OP1    doub N N 115 
DT  P     OP2    sing N N 116 
DT  P     "O5'"  sing N N 117 
DT  OP2   HOP2   sing N N 118 
DT  "O5'" "C5'"  sing N N 119 
DT  "C5'" "C4'"  sing N N 120 
DT  "C5'" "H5'"  sing N N 121 
DT  "C5'" "H5''" sing N N 122 
DT  "C4'" "O4'"  sing N N 123 
DT  "C4'" "C3'"  sing N N 124 
DT  "C4'" "H4'"  sing N N 125 
DT  "O4'" "C1'"  sing N N 126 
DT  "C3'" "O3'"  sing N N 127 
DT  "C3'" "C2'"  sing N N 128 
DT  "C3'" "H3'"  sing N N 129 
DT  "O3'" "HO3'" sing N N 130 
DT  "C2'" "C1'"  sing N N 131 
DT  "C2'" "H2'"  sing N N 132 
DT  "C2'" "H2''" sing N N 133 
DT  "C1'" N1     sing N N 134 
DT  "C1'" "H1'"  sing N N 135 
DT  N1    C2     sing N N 136 
DT  N1    C6     sing N N 137 
DT  C2    O2     doub N N 138 
DT  C2    N3     sing N N 139 
DT  N3    C4     sing N N 140 
DT  N3    H3     sing N N 141 
DT  C4    O4     doub N N 142 
DT  C4    C5     sing N N 143 
DT  C5    C7     sing N N 144 
DT  C5    C6     doub N N 145 
DT  C7    H71    sing N N 146 
DT  C7    H72    sing N N 147 
DT  C7    H73    sing N N 148 
DT  C6    H6     sing N N 149 
HOH O     H1     sing N N 150 
HOH O     H2     sing N N 151 
# 
loop_
_ndb_struct_conf_na.entry_id 
_ndb_struct_conf_na.feature 
1ZFH 'double helix'         
1ZFH 'b-form double helix'  
1ZFH 'mismatched base pair' 
# 
loop_
_ndb_struct_na_base_pair.model_number 
_ndb_struct_na_base_pair.i_label_asym_id 
_ndb_struct_na_base_pair.i_label_comp_id 
_ndb_struct_na_base_pair.i_label_seq_id 
_ndb_struct_na_base_pair.i_symmetry 
_ndb_struct_na_base_pair.j_label_asym_id 
_ndb_struct_na_base_pair.j_label_comp_id 
_ndb_struct_na_base_pair.j_label_seq_id 
_ndb_struct_na_base_pair.j_symmetry 
_ndb_struct_na_base_pair.shear 
_ndb_struct_na_base_pair.stretch 
_ndb_struct_na_base_pair.stagger 
_ndb_struct_na_base_pair.buckle 
_ndb_struct_na_base_pair.propeller 
_ndb_struct_na_base_pair.opening 
_ndb_struct_na_base_pair.pair_number 
_ndb_struct_na_base_pair.pair_name 
_ndb_struct_na_base_pair.i_auth_asym_id 
_ndb_struct_na_base_pair.i_auth_seq_id 
_ndb_struct_na_base_pair.i_PDB_ins_code 
_ndb_struct_na_base_pair.j_auth_asym_id 
_ndb_struct_na_base_pair.j_auth_seq_id 
_ndb_struct_na_base_pair.j_PDB_ins_code 
_ndb_struct_na_base_pair.hbond_type_28 
_ndb_struct_na_base_pair.hbond_type_12 
1 A DC 1  1_555 B DG 10 1_555 1.405  0.128  0.001  2.605   -17.271 16.546  1 A_DC1:DG20_B  A 1  ? B 20 ? ?  1 
1 A DC 2  1_555 B DG 9  1_555 0.345  -0.029 0.409  16.195  -15.959 6.319   2 A_DC2:DG19_B  A 2  ? B 19 ? 19 1 
1 A DT 3  1_555 B DA 8  1_555 0.617  -0.121 0.336  -6.502  -19.724 -11.234 3 A_DT3:DA18_B  A 3  ? B 18 ? 20 1 
1 A DA 4  1_555 B DT 7  1_555 0.219  -0.672 -0.069 -7.449  3.110   -3.926  4 A_DA4:DT17_B  A 4  ? B 17 ? 20 1 
1 A DT 6  1_555 B DA 5  1_555 1.278  0.257  0.723  -5.996  -13.613 38.797  5 A_DT6:DA15_B  A 6  ? B 15 ? ?  1 
1 A DT 7  1_555 B DA 4  1_555 -0.493 -0.249 -0.157 7.356   -10.096 15.690  6 A_DT7:DA14_B  A 7  ? B 14 ? 20 1 
1 A DA 8  1_555 B DT 3  1_555 1.142  -0.135 -0.416 -11.087 -24.166 -7.512  7 A_DA8:DT13_B  A 8  ? B 13 ? 20 1 
1 A DG 9  1_555 B DC 2  1_555 -1.360 -0.767 -1.047 -18.096 -23.085 -12.503 8 A_DG9:DC12_B  A 9  ? B 12 ? ?  1 
1 A DG 10 1_555 B DC 1  1_555 -0.501 0.067  -0.264 -2.234  -8.643  7.028   9 A_DG10:DC11_B A 10 ? B 11 ? 19 1 
# 
loop_
_ndb_struct_na_base_pair_step.model_number 
_ndb_struct_na_base_pair_step.i_label_asym_id_1 
_ndb_struct_na_base_pair_step.i_label_comp_id_1 
_ndb_struct_na_base_pair_step.i_label_seq_id_1 
_ndb_struct_na_base_pair_step.i_symmetry_1 
_ndb_struct_na_base_pair_step.j_label_asym_id_1 
_ndb_struct_na_base_pair_step.j_label_comp_id_1 
_ndb_struct_na_base_pair_step.j_label_seq_id_1 
_ndb_struct_na_base_pair_step.j_symmetry_1 
_ndb_struct_na_base_pair_step.i_label_asym_id_2 
_ndb_struct_na_base_pair_step.i_label_comp_id_2 
_ndb_struct_na_base_pair_step.i_label_seq_id_2 
_ndb_struct_na_base_pair_step.i_symmetry_2 
_ndb_struct_na_base_pair_step.j_label_asym_id_2 
_ndb_struct_na_base_pair_step.j_label_comp_id_2 
_ndb_struct_na_base_pair_step.j_label_seq_id_2 
_ndb_struct_na_base_pair_step.j_symmetry_2 
_ndb_struct_na_base_pair_step.shift 
_ndb_struct_na_base_pair_step.slide 
_ndb_struct_na_base_pair_step.rise 
_ndb_struct_na_base_pair_step.tilt 
_ndb_struct_na_base_pair_step.roll 
_ndb_struct_na_base_pair_step.twist 
_ndb_struct_na_base_pair_step.x_displacement 
_ndb_struct_na_base_pair_step.y_displacement 
_ndb_struct_na_base_pair_step.helical_rise 
_ndb_struct_na_base_pair_step.inclination 
_ndb_struct_na_base_pair_step.tip 
_ndb_struct_na_base_pair_step.helical_twist 
_ndb_struct_na_base_pair_step.step_number 
_ndb_struct_na_base_pair_step.step_name 
_ndb_struct_na_base_pair_step.i_auth_asym_id_1 
_ndb_struct_na_base_pair_step.i_auth_seq_id_1 
_ndb_struct_na_base_pair_step.i_PDB_ins_code_1 
_ndb_struct_na_base_pair_step.j_auth_asym_id_1 
_ndb_struct_na_base_pair_step.j_auth_seq_id_1 
_ndb_struct_na_base_pair_step.j_PDB_ins_code_1 
_ndb_struct_na_base_pair_step.i_auth_asym_id_2 
_ndb_struct_na_base_pair_step.i_auth_seq_id_2 
_ndb_struct_na_base_pair_step.i_PDB_ins_code_2 
_ndb_struct_na_base_pair_step.j_auth_asym_id_2 
_ndb_struct_na_base_pair_step.j_auth_seq_id_2 
_ndb_struct_na_base_pair_step.j_PDB_ins_code_2 
1 A DC 1 1_555 B DG 10 1_555 A DC 2  1_555 B DG 9 1_555 0.825  0.258 2.855 4.383  6.777  20.990 -1.616 -0.644 2.905 17.777 -11.498 
22.471 1 AA_DC1DC2:DG19DG20_BB  A 1 ? B 20 ? A 2  ? B 19 ? 
1 A DC 2 1_555 B DG 9  1_555 A DT 3  1_555 B DA 8 1_555 -1.127 0.389 3.801 -0.106 -2.074 45.534 0.713  1.444  3.783 -2.678 0.137   
45.579 2 AA_DC2DT3:DA18DG19_BB  A 2 ? B 19 ? A 3  ? B 18 ? 
1 A DT 3 1_555 B DA 8  1_555 A DA 4  1_555 B DT 7 1_555 1.861  1.038 3.345 4.425  -5.218 39.179 2.153  -2.205 3.367 -7.710 -6.539  
39.749 3 AA_DT3DA4:DT17DA18_BB  A 3 ? B 18 ? A 4  ? B 17 ? 
1 A DA 4 1_555 B DT 7  1_555 A DT 6  1_555 B DA 5 1_555 2.736  2.176 6.342 0.108  1.699  69.472 1.790  -2.393 6.390 1.491  -0.094  
69.490 4 AA_DA4DT6:DA15DT17_BB  A 4 ? B 17 ? A 6  ? B 15 ? 
1 A DT 6 1_555 B DA 5  1_555 A DT 7  1_555 B DA 4 1_555 -1.371 0.777 2.848 5.582  2.663  39.028 0.884  2.587  2.679 3.956  -8.291  
39.497 5 AA_DT6DT7:DA14DA15_BB  A 6 ? B 15 ? A 7  ? B 14 ? 
1 A DT 7 1_555 B DA 4  1_555 A DA 8  1_555 B DT 3 1_555 -0.563 1.648 3.859 -1.337 -0.694 44.751 2.238  0.595  3.849 -0.911 1.756   
44.775 6 AA_DT7DA8:DT13DA14_BB  A 7 ? B 14 ? A 8  ? B 13 ? 
1 A DA 8 1_555 B DT 3  1_555 A DG 9  1_555 B DC 2 1_555 -0.395 0.596 3.251 0.603  3.895  26.873 0.283  0.993  3.293 8.324  -1.289  
27.156 7 AA_DA8DG9:DC12DT13_BB  A 8 ? B 13 ? A 9  ? B 12 ? 
1 A DG 9 1_555 B DC 2  1_555 A DG 10 1_555 B DC 1 1_555 -1.074 1.718 3.170 -8.630 -3.864 46.879 2.423  0.654  3.166 -4.800 10.719  
47.771 8 AA_DG9DG10:DC11DC12_BB A 9 ? B 12 ? A 10 ? B 11 ? 
# 
_pdbx_initial_refinement_model.accession_code   1DCV 
_pdbx_initial_refinement_model.id               1 
_pdbx_initial_refinement_model.entity_id_list   ? 
_pdbx_initial_refinement_model.type             'experimental model' 
_pdbx_initial_refinement_model.source_name      PDB 
_pdbx_initial_refinement_model.details          'NDB ENTRY BD0028' 
# 
_atom_sites.entry_id                    1ZFH 
_atom_sites.fract_transf_matrix[1][1]   0.01754279 
_atom_sites.fract_transf_matrix[1][2]   0.00066167 
_atom_sites.fract_transf_matrix[1][3]   -0.00786099 
_atom_sites.fract_transf_matrix[2][1]   -0.00820421 
_atom_sites.fract_transf_matrix[2][2]   -0.03421351 
_atom_sites.fract_transf_matrix[2][3]   -0.02118853 
_atom_sites.fract_transf_matrix[3][1]   0.00545342 
_atom_sites.fract_transf_matrix[3][2]   0.01372156 
_atom_sites.fract_transf_matrix[3][3]   -0.02426802 
_atom_sites.fract_transf_vector[1]      0.517492 
_atom_sites.fract_transf_vector[2]      0.058979 
_atom_sites.fract_transf_vector[3]      0.221381 
# 
loop_
_atom_type.symbol 
C 
N 
O 
P 
# 
loop_
_atom_site.group_PDB 
_atom_site.id 
_atom_site.type_symbol 
_atom_site.label_atom_id 
_atom_site.label_alt_id 
_atom_site.label_comp_id 
_atom_site.label_asym_id 
_atom_site.label_entity_id 
_atom_site.label_seq_id 
_atom_site.pdbx_PDB_ins_code 
_atom_site.Cartn_x 
_atom_site.Cartn_y 
_atom_site.Cartn_z 
_atom_site.occupancy 
_atom_site.B_iso_or_equiv 
_atom_site.pdbx_formal_charge 
_atom_site.auth_seq_id 
_atom_site.auth_comp_id 
_atom_site.auth_asym_id 
_atom_site.auth_atom_id 
_atom_site.pdbx_PDB_model_num 
ATOM   1   O "O5'" . DC  A 1 1  ? -10.639 1.881   -12.285 1.00 5.82  ? 1  DC  A "O5'" 1 
ATOM   2   C "C5'" . DC  A 1 1  ? -11.270 1.227   -11.162 1.00 5.66  ? 1  DC  A "C5'" 1 
ATOM   3   C "C4'" . DC  A 1 1  ? -12.588 1.891   -10.809 1.00 4.34  ? 1  DC  A "C4'" 1 
ATOM   4   O "O4'" . DC  A 1 1  ? -13.570 0.942   -10.295 1.00 3.21  ? 1  DC  A "O4'" 1 
ATOM   5   C "C3'" . DC  A 1 1  ? -12.429 2.921   -9.728  1.00 4.03  ? 1  DC  A "C3'" 1 
ATOM   6   O "O3'" . DC  A 1 1  ? -13.346 3.975   -9.908  1.00 2.74  ? 1  DC  A "O3'" 1 
ATOM   7   C "C2'" . DC  A 1 1  ? -12.745 2.127   -8.462  1.00 4.61  ? 1  DC  A "C2'" 1 
ATOM   8   C "C1'" . DC  A 1 1  ? -13.716 1.044   -8.879  1.00 2.00  ? 1  DC  A "C1'" 1 
ATOM   9   N N1    . DC  A 1 1  ? -13.494 -0.284  -8.145  1.00 2.00  ? 1  DC  A N1    1 
ATOM   10  C C2    . DC  A 1 1  ? -13.855 -0.424  -6.799  1.00 2.00  ? 1  DC  A C2    1 
ATOM   11  O O2    . DC  A 1 1  ? -14.347 0.530   -6.224  1.00 2.00  ? 1  DC  A O2    1 
ATOM   12  N N3    . DC  A 1 1  ? -13.674 -1.599  -6.151  1.00 2.00  ? 1  DC  A N3    1 
ATOM   13  C C4    . DC  A 1 1  ? -13.132 -2.624  -6.831  1.00 2.00  ? 1  DC  A C4    1 
ATOM   14  N N4    . DC  A 1 1  ? -12.960 -3.791  -6.206  1.00 2.00  ? 1  DC  A N4    1 
ATOM   15  C C5    . DC  A 1 1  ? -12.748 -2.511  -8.202  1.00 2.00  ? 1  DC  A C5    1 
ATOM   16  C C6    . DC  A 1 1  ? -12.948 -1.348  -8.816  1.00 2.00  ? 1  DC  A C6    1 
ATOM   17  P P     . DC  A 1 2  ? -12.701 5.389   -10.129 1.00 2.11  ? 2  DC  A P     1 
ATOM   18  O OP1   . DC  A 1 2  ? -13.564 6.507   -9.698  1.00 3.88  ? 2  DC  A OP1   1 
ATOM   19  O OP2   . DC  A 1 2  ? -12.148 5.379   -11.498 1.00 2.00  ? 2  DC  A OP2   1 
ATOM   20  O "O5'" . DC  A 1 2  ? -11.584 5.287   -9.019  1.00 2.25  ? 2  DC  A "O5'" 1 
ATOM   21  C "C5'" . DC  A 1 2  ? -11.959 4.993   -7.663  1.00 3.07  ? 2  DC  A "C5'" 1 
ATOM   22  C "C4'" . DC  A 1 2  ? -10.736 4.460   -6.923  1.00 2.59  ? 2  DC  A "C4'" 1 
ATOM   23  O "O4'" . DC  A 1 2  ? -10.884 3.075   -6.460  1.00 2.00  ? 2  DC  A "O4'" 1 
ATOM   24  C "C3'" . DC  A 1 2  ? -9.479  4.556   -7.791  1.00 2.00  ? 2  DC  A "C3'" 1 
ATOM   25  O "O3'" . DC  A 1 2  ? -8.512  5.230   -7.010  1.00 2.00  ? 2  DC  A "O3'" 1 
ATOM   26  C "C2'" . DC  A 1 2  ? -9.193  3.074   -8.094  1.00 2.00  ? 2  DC  A "C2'" 1 
ATOM   27  C "C1'" . DC  A 1 2  ? -9.689  2.425   -6.795  1.00 2.00  ? 2  DC  A "C1'" 1 
ATOM   28  N N1    . DC  A 1 2  ? -9.731  0.919   -6.610  1.00 2.00  ? 2  DC  A N1    1 
ATOM   29  C C2    . DC  A 1 2  ? -10.285 0.407   -5.442  1.00 2.00  ? 2  DC  A C2    1 
ATOM   30  O O2    . DC  A 1 2  ? -10.792 1.182   -4.626  1.00 2.00  ? 2  DC  A O2    1 
ATOM   31  N N3    . DC  A 1 2  ? -10.259 -0.931  -5.252  1.00 2.00  ? 2  DC  A N3    1 
ATOM   32  C C4    . DC  A 1 2  ? -9.719  -1.748  -6.147  1.00 2.00  ? 2  DC  A C4    1 
ATOM   33  N N4    . DC  A 1 2  ? -9.736  -3.065  -5.902  1.00 2.00  ? 2  DC  A N4    1 
ATOM   34  C C5    . DC  A 1 2  ? -9.132  -1.256  -7.325  1.00 2.00  ? 2  DC  A C5    1 
ATOM   35  C C6    . DC  A 1 2  ? -9.145  0.069   -7.501  1.00 2.00  ? 2  DC  A C6    1 
ATOM   36  P P     . DT  A 1 3  ? -8.319  6.812   -6.928  1.00 2.00  ? 3  DT  A P     1 
ATOM   37  O OP1   . DT  A 1 3  ? -9.400  7.494   -7.630  1.00 4.63  ? 3  DT  A OP1   1 
ATOM   38  O OP2   . DT  A 1 3  ? -6.912  7.142   -7.179  1.00 2.00  ? 3  DT  A OP2   1 
ATOM   39  O "O5'" . DT  A 1 3  ? -8.578  7.128   -5.413  1.00 2.05  ? 3  DT  A "O5'" 1 
ATOM   40  C "C5'" . DT  A 1 3  ? -9.880  6.993   -4.916  1.00 2.00  ? 3  DT  A "C5'" 1 
ATOM   41  C "C4'" . DT  A 1 3  ? -9.870  6.275   -3.578  1.00 2.00  ? 3  DT  A "C4'" 1 
ATOM   42  O "O4'" . DT  A 1 3  ? -9.384  4.915   -3.574  1.00 2.00  ? 3  DT  A "O4'" 1 
ATOM   43  C "C3'" . DT  A 1 3  ? -9.013  6.917   -2.530  1.00 2.00  ? 3  DT  A "C3'" 1 
ATOM   44  O "O3'" . DT  A 1 3  ? -9.891  6.700   -1.497  1.00 2.00  ? 3  DT  A "O3'" 1 
ATOM   45  C "C2'" . DT  A 1 3  ? -7.785  5.988   -2.470  1.00 2.00  ? 3  DT  A "C2'" 1 
ATOM   46  C "C1'" . DT  A 1 3  ? -8.517  4.656   -2.476  1.00 2.00  ? 3  DT  A "C1'" 1 
ATOM   47  N N1    . DT  A 1 3  ? -7.940  3.343   -2.888  1.00 2.00  ? 3  DT  A N1    1 
ATOM   48  C C2    . DT  A 1 3  ? -8.128  2.155   -2.167  1.00 2.00  ? 3  DT  A C2    1 
ATOM   49  O O2    . DT  A 1 3  ? -8.655  2.049   -1.061  1.00 2.00  ? 3  DT  A O2    1 
ATOM   50  N N3    . DT  A 1 3  ? -7.605  1.045   -2.798  1.00 2.00  ? 3  DT  A N3    1 
ATOM   51  C C4    . DT  A 1 3  ? -6.957  0.986   -4.023  1.00 2.00  ? 3  DT  A C4    1 
ATOM   52  O O4    . DT  A 1 3  ? -6.526  -0.054  -4.498  1.00 2.00  ? 3  DT  A O4    1 
ATOM   53  C C5    . DT  A 1 3  ? -6.822  2.238   -4.727  1.00 2.00  ? 3  DT  A C5    1 
ATOM   54  C C7    . DT  A 1 3  ? -6.164  2.329   -6.078  1.00 2.00  ? 3  DT  A C7    1 
ATOM   55  C C6    . DT  A 1 3  ? -7.323  3.330   -4.132  1.00 2.05  ? 3  DT  A C6    1 
ATOM   56  P P     . DA  A 1 4  ? -10.110 7.708   -0.324  1.00 2.00  ? 4  DA  A P     1 
ATOM   57  O OP1   . DA  A 1 4  ? -11.581 7.639   -0.137  1.00 3.85  ? 4  DA  A OP1   1 
ATOM   58  O OP2   . DA  A 1 4  ? -9.415  8.986   -0.539  1.00 2.00  ? 4  DA  A OP2   1 
ATOM   59  O "O5'" . DA  A 1 4  ? -9.390  6.882   0.845   1.00 2.00  ? 4  DA  A "O5'" 1 
ATOM   60  C "C5'" . DA  A 1 4  ? -8.811  5.621   0.467   1.00 2.00  ? 4  DA  A "C5'" 1 
ATOM   61  C "C4'" . DA  A 1 4  ? -7.986  4.889   1.496   1.00 2.00  ? 4  DA  A "C4'" 1 
ATOM   62  O "O4'" . DA  A 1 4  ? -7.208  3.793   0.894   1.00 2.00  ? 4  DA  A "O4'" 1 
ATOM   63  C "C3'" . DA  A 1 4  ? -7.011  5.723   2.281   1.00 2.00  ? 4  DA  A "C3'" 1 
ATOM   64  O "O3'" . DA  A 1 4  ? -7.103  5.123   3.576   1.00 2.00  ? 4  DA  A "O3'" 1 
ATOM   65  C "C2'" . DA  A 1 4  ? -5.732  5.440   1.470   1.00 2.00  ? 4  DA  A "C2'" 1 
ATOM   66  C "C1'" . DA  A 1 4  ? -5.826  3.975   1.094   1.00 2.00  ? 4  DA  A "C1'" 1 
ATOM   67  N N9    . DA  A 1 4  ? -5.225  3.568   -0.167  1.00 2.00  ? 4  DA  A N9    1 
ATOM   68  C C8    . DA  A 1 4  ? -4.806  4.357   -1.200  1.00 2.00  ? 4  DA  A C8    1 
ATOM   69  N N7    . DA  A 1 4  ? -4.322  3.692   -2.217  1.00 2.00  ? 4  DA  A N7    1 
ATOM   70  C C5    . DA  A 1 4  ? -4.435  2.360   -1.833  1.00 2.00  ? 4  DA  A C5    1 
ATOM   71  C C6    . DA  A 1 4  ? -4.118  1.121   -2.464  1.00 2.00  ? 4  DA  A C6    1 
ATOM   72  N N6    . DA  A 1 4  ? -3.584  1.003   -3.680  1.00 2.00  ? 4  DA  A N6    1 
ATOM   73  N N1    . DA  A 1 4  ? -4.360  -0.026  -1.813  1.00 2.00  ? 4  DA  A N1    1 
ATOM   74  C C2    . DA  A 1 4  ? -4.894  0.062   -0.594  1.00 2.00  ? 4  DA  A C2    1 
ATOM   75  N N3    . DA  A 1 4  ? -5.238  1.152   0.084   1.00 2.00  ? 4  DA  A N3    1 
ATOM   76  C C4    . DA  A 1 4  ? -4.991  2.280   -0.582  1.00 2.00  ? 4  DA  A C4    1 
ATOM   77  P P     . DA  A 1 5  ? -6.492  5.655   4.957   1.00 2.00  ? 5  DA  A P     1 
ATOM   78  O OP1   . DA  A 1 5  ? -7.522  6.578   5.481   1.00 3.23  ? 5  DA  A OP1   1 
ATOM   79  O OP2   . DA  A 1 5  ? -5.109  6.141   4.716   1.00 2.00  ? 5  DA  A OP2   1 
ATOM   80  O "O5'" . DA  A 1 5  ? -6.398  4.388   5.906   1.00 2.00  ? 5  DA  A "O5'" 1 
ATOM   81  C "C5'" . DA  A 1 5  ? -6.696  3.125   5.367   1.00 2.22  ? 5  DA  A "C5'" 1 
ATOM   82  C "C4'" . DA  A 1 5  ? -5.602  2.070   5.488   1.00 2.00  ? 5  DA  A "C4'" 1 
ATOM   83  O "O4'" . DA  A 1 5  ? -4.920  1.873   4.223   1.00 2.00  ? 5  DA  A "O4'" 1 
ATOM   84  C "C3'" . DA  A 1 5  ? -4.459  2.371   6.428   1.00 2.06  ? 5  DA  A "C3'" 1 
ATOM   85  O "O3'" . DA  A 1 5  ? -3.740  1.142   6.712   1.00 2.33  ? 5  DA  A "O3'" 1 
ATOM   86  C "C2'" . DA  A 1 5  ? -3.629  3.266   5.534   1.00 2.00  ? 5  DA  A "C2'" 1 
ATOM   87  C "C1'" . DA  A 1 5  ? -3.564  2.275   4.398   1.00 2.00  ? 5  DA  A "C1'" 1 
ATOM   88  N N9    . DA  A 1 5  ? -3.043  2.851   3.178   1.00 2.00  ? 5  DA  A N9    1 
ATOM   89  C C8    . DA  A 1 5  ? -2.907  4.185   2.951   1.00 2.00  ? 5  DA  A C8    1 
ATOM   90  N N7    . DA  A 1 5  ? -2.425  4.461   1.786   1.00 2.00  ? 5  DA  A N7    1 
ATOM   91  C C5    . DA  A 1 5  ? -2.222  3.238   1.236   1.00 2.00  ? 5  DA  A C5    1 
ATOM   92  C C6    . DA  A 1 5  ? -1.732  2.910   -0.006  1.00 2.00  ? 5  DA  A C6    1 
ATOM   93  N N6    . DA  A 1 5  ? -1.354  3.812   -0.930  1.00 2.00  ? 5  DA  A N6    1 
ATOM   94  N N1    . DA  A 1 5  ? -1.660  1.594   -0.245  1.00 2.00  ? 5  DA  A N1    1 
ATOM   95  C C2    . DA  A 1 5  ? -2.052  0.690   0.679   1.00 2.00  ? 5  DA  A C2    1 
ATOM   96  N N3    . DA  A 1 5  ? -2.539  0.917   1.879   1.00 2.00  ? 5  DA  A N3    1 
ATOM   97  C C4    . DA  A 1 5  ? -2.594  2.227   2.073   1.00 2.00  ? 5  DA  A C4    1 
ATOM   98  P P     . DT  A 1 6  ? -2.920  1.064   8.069   1.00 2.66  ? 6  DT  A P     1 
ATOM   99  O OP1   . DT  A 1 6  ? -3.818  0.344   9.006   1.00 2.00  ? 6  DT  A OP1   1 
ATOM   100 O OP2   . DT  A 1 6  ? -2.457  2.408   8.460   1.00 2.00  ? 6  DT  A OP2   1 
ATOM   101 O "O5'" . DT  A 1 6  ? -1.629  0.193   7.677   1.00 2.35  ? 6  DT  A "O5'" 1 
ATOM   102 C "C5'" . DT  A 1 6  ? -1.743  -1.207  7.338   1.00 2.00  ? 6  DT  A "C5'" 1 
ATOM   103 C "C4'" . DT  A 1 6  ? -1.548  -1.324  5.848   1.00 2.00  ? 6  DT  A "C4'" 1 
ATOM   104 O "O4'" . DT  A 1 6  ? -1.231  0.018   5.437   1.00 2.00  ? 6  DT  A "O4'" 1 
ATOM   105 C "C3'" . DT  A 1 6  ? -0.417  -2.188  5.263   1.00 2.82  ? 6  DT  A "C3'" 1 
ATOM   106 O "O3'" . DT  A 1 6  ? -0.869  -3.037  4.157   1.00 3.53  ? 6  DT  A "O3'" 1 
ATOM   107 C "C2'" . DT  A 1 6  ? 0.567   -1.176  4.699   1.00 3.22  ? 6  DT  A "C2'" 1 
ATOM   108 C "C1'" . DT  A 1 6  ? -0.399  -0.065  4.323   1.00 2.00  ? 6  DT  A "C1'" 1 
ATOM   109 N N1    . DT  A 1 6  ? 0.040   1.316   3.993   1.00 2.00  ? 6  DT  A N1    1 
ATOM   110 C C2    . DT  A 1 6  ? 0.648   1.579   2.788   1.00 2.00  ? 6  DT  A C2    1 
ATOM   111 O O2    . DT  A 1 6  ? 0.913   0.714   1.980   1.00 2.00  ? 6  DT  A O2    1 
ATOM   112 N N3    . DT  A 1 6  ? 0.948   2.894   2.583   1.00 2.00  ? 6  DT  A N3    1 
ATOM   113 C C4    . DT  A 1 6  ? 0.671   3.932   3.456   1.00 2.00  ? 6  DT  A C4    1 
ATOM   114 O O4    . DT  A 1 6  ? 0.964   5.093   3.204   1.00 2.00  ? 6  DT  A O4    1 
ATOM   115 C C5    . DT  A 1 6  ? 0.019   3.580   4.694   1.00 2.00  ? 6  DT  A C5    1 
ATOM   116 C C7    . DT  A 1 6  ? 0.071   4.502   5.888   1.00 2.00  ? 6  DT  A C7    1 
ATOM   117 C C6    . DT  A 1 6  ? -0.262  2.301   4.884   1.00 2.00  ? 6  DT  A C6    1 
ATOM   118 P P     . DT  A 1 7  ? -0.027  -4.344  3.846   1.00 2.00  ? 7  DT  A P     1 
ATOM   119 O OP1   . DT  A 1 7  ? -0.894  -5.444  3.369   1.00 2.00  ? 7  DT  A OP1   1 
ATOM   120 O OP2   . DT  A 1 7  ? 0.805   -4.477  5.076   1.00 3.26  ? 7  DT  A OP2   1 
ATOM   121 O "O5'" . DT  A 1 7  ? 0.880   -3.806  2.655   1.00 3.74  ? 7  DT  A "O5'" 1 
ATOM   122 C "C5'" . DT  A 1 7  ? 1.376   -4.716  1.644   1.00 2.91  ? 7  DT  A "C5'" 1 
ATOM   123 C "C4'" . DT  A 1 7  ? 2.794   -5.183  1.958   1.00 2.00  ? 7  DT  A "C4'" 1 
ATOM   124 O "O4'" . DT  A 1 7  ? 3.719   -4.073  1.973   1.00 2.00  ? 7  DT  A "O4'" 1 
ATOM   125 C "C3'" . DT  A 1 7  ? 2.969   -5.909  3.296   1.00 3.21  ? 7  DT  A "C3'" 1 
ATOM   126 O "O3'" . DT  A 1 7  ? 3.808   -7.002  3.006   1.00 6.95  ? 7  DT  A "O3'" 1 
ATOM   127 C "C2'" . DT  A 1 7  ? 3.570   -4.891  4.263   1.00 2.00  ? 7  DT  A "C2'" 1 
ATOM   128 C "C1'" . DT  A 1 7  ? 4.177   -3.861  3.305   1.00 2.00  ? 7  DT  A "C1'" 1 
ATOM   129 N N1    . DT  A 1 7  ? 4.016   -2.400  3.609   1.00 2.00  ? 7  DT  A N1    1 
ATOM   130 C C2    . DT  A 1 7  ? 4.221   -1.520  2.582   1.00 2.00  ? 7  DT  A C2    1 
ATOM   131 O O2    . DT  A 1 7  ? 4.467   -1.852  1.455   1.00 2.00  ? 7  DT  A O2    1 
ATOM   132 N N3    . DT  A 1 7  ? 4.106   -0.219  2.884   1.00 2.00  ? 7  DT  A N3    1 
ATOM   133 C C4    . DT  A 1 7  ? 3.809   0.320   4.098   1.00 2.00  ? 7  DT  A C4    1 
ATOM   134 O O4    . DT  A 1 7  ? 3.717   1.546   4.216   1.00 2.00  ? 7  DT  A O4    1 
ATOM   135 C C5    . DT  A 1 7  ? 3.614   -0.649  5.159   1.00 2.00  ? 7  DT  A C5    1 
ATOM   136 C C7    . DT  A 1 7  ? 2.933   -0.260  6.442   1.00 2.00  ? 7  DT  A C7    1 
ATOM   137 C C6    . DT  A 1 7  ? 3.739   -1.947  4.865   1.00 2.00  ? 7  DT  A C6    1 
ATOM   138 P P     . DA  A 1 8  ? 4.150   -8.121  4.094   1.00 8.82  ? 8  DA  A P     1 
ATOM   139 O OP1   . DA  A 1 8  ? 3.443   -9.409  3.815   1.00 6.75  ? 8  DA  A OP1   1 
ATOM   140 O OP2   . DA  A 1 8  ? 4.019   -7.380  5.371   1.00 5.57  ? 8  DA  A OP2   1 
ATOM   141 O "O5'" . DA  A 1 8  ? 5.690   -8.379  3.730   1.00 7.17  ? 8  DA  A "O5'" 1 
ATOM   142 C "C5'" . DA  A 1 8  ? 5.986   -8.690  2.371   1.00 4.49  ? 8  DA  A "C5'" 1 
ATOM   143 C "C4'" . DA  A 1 8  ? 6.700   -7.540  1.691   1.00 2.00  ? 8  DA  A "C4'" 1 
ATOM   144 O "O4'" . DA  A 1 8  ? 6.260   -6.284  2.257   1.00 2.00  ? 8  DA  A "O4'" 1 
ATOM   145 C "C3'" . DA  A 1 8  ? 8.207   -7.630  1.854   1.00 2.00  ? 8  DA  A "C3'" 1 
ATOM   146 O "O3'" . DA  A 1 8  ? 8.857   -7.912  0.565   1.00 3.12  ? 8  DA  A "O3'" 1 
ATOM   147 C "C2'" . DA  A 1 8  ? 8.557   -6.286  2.491   1.00 2.00  ? 8  DA  A "C2'" 1 
ATOM   148 C "C1'" . DA  A 1 8  ? 7.347   -5.371  2.213   1.00 2.00  ? 8  DA  A "C1'" 1 
ATOM   149 N N9    . DA  A 1 8  ? 7.274   -4.215  3.159   1.00 2.00  ? 8  DA  A N9    1 
ATOM   150 C C8    . DA  A 1 8  ? 7.120   -4.317  4.523   1.00 2.00  ? 8  DA  A C8    1 
ATOM   151 N N7    . DA  A 1 8  ? 7.114   -3.187  5.184   1.00 2.00  ? 8  DA  A N7    1 
ATOM   152 C C5    . DA  A 1 8  ? 7.317   -2.242  4.216   1.00 2.00  ? 8  DA  A C5    1 
ATOM   153 C C6    . DA  A 1 8  ? 7.413   -0.839  4.308   1.00 2.31  ? 8  DA  A C6    1 
ATOM   154 N N6    . DA  A 1 8  ? 7.322   -0.168  5.467   1.00 2.34  ? 8  DA  A N6    1 
ATOM   155 N N1    . DA  A 1 8  ? 7.616   -0.154  3.155   1.00 2.35  ? 8  DA  A N1    1 
ATOM   156 C C2    . DA  A 1 8  ? 7.702   -0.861  2.015   1.00 2.00  ? 8  DA  A C2    1 
ATOM   157 N N3    . DA  A 1 8  ? 7.623   -2.184  1.821   1.00 2.00  ? 8  DA  A N3    1 
ATOM   158 C C4    . DA  A 1 8  ? 7.422   -2.843  2.966   1.00 2.00  ? 8  DA  A C4    1 
ATOM   159 P P     . DG  A 1 9  ? 10.333  -8.556  0.412   1.00 3.01  ? 9  DG  A P     1 
ATOM   160 O OP1   . DG  A 1 9  ? 10.337  -9.840  -0.290  1.00 4.01  ? 9  DG  A OP1   1 
ATOM   161 O OP2   . DG  A 1 9  ? 10.937  -8.497  1.757   1.00 3.40  ? 9  DG  A OP2   1 
ATOM   162 O "O5'" . DG  A 1 9  ? 11.114  -7.589  -0.593  1.00 3.65  ? 9  DG  A "O5'" 1 
ATOM   163 C "C5'" . DG  A 1 9  ? 10.709  -7.273  -1.932  1.00 2.00  ? 9  DG  A "C5'" 1 
ATOM   164 C "C4'" . DG  A 1 9  ? 10.913  -5.772  -2.083  1.00 2.00  ? 9  DG  A "C4'" 1 
ATOM   165 O "O4'" . DG  A 1 9  ? 10.377  -5.077  -0.925  1.00 2.00  ? 9  DG  A "O4'" 1 
ATOM   166 C "C3'" . DG  A 1 9  ? 12.368  -5.298  -2.195  1.00 2.00  ? 9  DG  A "C3'" 1 
ATOM   167 O "O3'" . DG  A 1 9  ? 12.479  -4.377  -3.348  1.00 2.00  ? 9  DG  A "O3'" 1 
ATOM   168 C "C2'" . DG  A 1 9  ? 12.669  -4.689  -0.818  1.00 2.00  ? 9  DG  A "C2'" 1 
ATOM   169 C "C1'" . DG  A 1 9  ? 11.304  -4.079  -0.509  1.00 2.00  ? 9  DG  A "C1'" 1 
ATOM   170 N N9    . DG  A 1 9  ? 11.100  -3.571  0.879   1.00 2.00  ? 9  DG  A N9    1 
ATOM   171 C C8    . DG  A 1 9  ? 10.902  -4.260  2.060   1.00 2.00  ? 9  DG  A C8    1 
ATOM   172 N N7    . DG  A 1 9  ? 10.759  -3.519  3.138   1.00 2.00  ? 9  DG  A N7    1 
ATOM   173 C C5    . DG  A 1 9  ? 10.884  -2.234  2.650   1.00 2.00  ? 9  DG  A C5    1 
ATOM   174 C C6    . DG  A 1 9  ? 10.826  -1.018  3.331   1.00 2.00  ? 9  DG  A C6    1 
ATOM   175 O O6    . DG  A 1 9  ? 10.648  -0.798  4.524   1.00 2.00  ? 9  DG  A O6    1 
ATOM   176 N N1    . DG  A 1 9  ? 10.996  0.039   2.468   1.00 2.00  ? 9  DG  A N1    1 
ATOM   177 C C2    . DG  A 1 9  ? 11.191  -0.077  1.102   1.00 2.00  ? 9  DG  A C2    1 
ATOM   178 N N2    . DG  A 1 9  ? 11.345  1.047   0.399   1.00 2.00  ? 9  DG  A N2    1 
ATOM   179 N N3    . DG  A 1 9  ? 11.247  -1.212  0.447   1.00 2.00  ? 9  DG  A N3    1 
ATOM   180 C C4    . DG  A 1 9  ? 11.088  -2.252  1.281   1.00 2.00  ? 9  DG  A C4    1 
ATOM   181 P P     . DG  A 1 10 ? 13.884  -3.743  -3.757  1.00 2.83  ? 10 DG  A P     1 
ATOM   182 O OP1   . DG  A 1 10 ? 14.300  -4.161  -5.111  1.00 4.27  ? 10 DG  A OP1   1 
ATOM   183 O OP2   . DG  A 1 10 ? 14.707  -4.164  -2.617  1.00 3.50  ? 10 DG  A OP2   1 
ATOM   184 O "O5'" . DG  A 1 10 ? 13.735  -2.142  -3.851  1.00 2.00  ? 10 DG  A "O5'" 1 
ATOM   185 C "C5'" . DG  A 1 10 ? 14.020  -1.495  -5.095  1.00 2.00  ? 10 DG  A "C5'" 1 
ATOM   186 C "C4'" . DG  A 1 10 ? 14.661  -0.125  -4.949  1.00 2.00  ? 10 DG  A "C4'" 1 
ATOM   187 O "O4'" . DG  A 1 10 ? 14.573  0.366   -3.590  1.00 2.00  ? 10 DG  A "O4'" 1 
ATOM   188 C "C3'" . DG  A 1 10 ? 16.133  -0.038  -5.290  1.00 2.00  ? 10 DG  A "C3'" 1 
ATOM   189 O "O3'" . DG  A 1 10 ? 16.431  1.234   -5.823  1.00 2.00  ? 10 DG  A "O3'" 1 
ATOM   190 C "C2'" . DG  A 1 10 ? 16.828  -0.226  -3.938  1.00 2.00  ? 10 DG  A "C2'" 1 
ATOM   191 C "C1'" . DG  A 1 10 ? 15.827  0.297   -2.913  1.00 2.00  ? 10 DG  A "C1'" 1 
ATOM   192 N N9    . DG  A 1 10 ? 15.644  -0.547  -1.714  1.00 2.00  ? 10 DG  A N9    1 
ATOM   193 C C8    . DG  A 1 10 ? 15.703  -1.924  -1.629  1.00 2.00  ? 10 DG  A C8    1 
ATOM   194 N N7    . DG  A 1 10 ? 15.486  -2.402  -0.447  1.00 2.00  ? 10 DG  A N7    1 
ATOM   195 C C5    . DG  A 1 10 ? 15.273  -1.290  0.331   1.00 2.00  ? 10 DG  A C5    1 
ATOM   196 C C6    . DG  A 1 10 ? 15.007  -1.190  1.698   1.00 2.00  ? 10 DG  A C6    1 
ATOM   197 O O6    . DG  A 1 10 ? 14.872  -2.081  2.534   1.00 2.00  ? 10 DG  A O6    1 
ATOM   198 N N1    . DG  A 1 10 ? 14.894  0.132   2.068   1.00 2.00  ? 10 DG  A N1    1 
ATOM   199 C C2    . DG  A 1 10 ? 15.000  1.220   1.237   1.00 2.00  ? 10 DG  A C2    1 
ATOM   200 N N2    . DG  A 1 10 ? 14.837  2.453   1.755   1.00 2.00  ? 10 DG  A N2    1 
ATOM   201 N N3    . DG  A 1 10 ? 15.257  1.129   -0.043  1.00 2.00  ? 10 DG  A N3    1 
ATOM   202 C C4    . DG  A 1 10 ? 15.373  -0.147  -0.426  1.00 2.00  ? 10 DG  A C4    1 
ATOM   203 O "O5'" . DC  B 1 1  ? 13.377  3.487   10.221  1.00 23.20 ? 11 DC  B "O5'" 1 
ATOM   204 C "C5'" . DC  B 1 1  ? 13.779  4.877   10.188  1.00 21.90 ? 11 DC  B "C5'" 1 
ATOM   205 C "C4'" . DC  B 1 1  ? 14.486  5.260   8.884   1.00 21.03 ? 11 DC  B "C4'" 1 
ATOM   206 O "O4'" . DC  B 1 1  ? 15.020  4.141   8.120   1.00 20.28 ? 11 DC  B "O4'" 1 
ATOM   207 C "C3'" . DC  B 1 1  ? 13.533  5.888   7.907   1.00 19.86 ? 11 DC  B "C3'" 1 
ATOM   208 O "O3'" . DC  B 1 1  ? 14.267  6.868   7.118   1.00 18.24 ? 11 DC  B "O3'" 1 
ATOM   209 C "C2'" . DC  B 1 1  ? 12.970  4.628   7.226   1.00 18.07 ? 11 DC  B "C2'" 1 
ATOM   210 C "C1'" . DC  B 1 1  ? 14.252  3.895   6.947   1.00 18.16 ? 11 DC  B "C1'" 1 
ATOM   211 N N1    . DC  B 1 1  ? 14.186  2.413   6.660   1.00 16.92 ? 11 DC  B N1    1 
ATOM   212 C C2    . DC  B 1 1  ? 14.525  1.975   5.379   1.00 16.54 ? 11 DC  B C2    1 
ATOM   213 O O2    . DC  B 1 1  ? 14.864  2.786   4.504   1.00 15.68 ? 11 DC  B O2    1 
ATOM   214 N N3    . DC  B 1 1  ? 14.485  0.643   5.130   1.00 17.57 ? 11 DC  B N3    1 
ATOM   215 C C4    . DC  B 1 1  ? 14.132  -0.233  6.068   1.00 16.99 ? 11 DC  B C4    1 
ATOM   216 N N4    . DC  B 1 1  ? 14.117  -1.516  5.705   1.00 16.74 ? 11 DC  B N4    1 
ATOM   217 C C5    . DC  B 1 1  ? 13.784  0.180   7.379   1.00 16.32 ? 11 DC  B C5    1 
ATOM   218 C C6    . DC  B 1 1  ? 13.826  1.502   7.616   1.00 17.64 ? 11 DC  B C6    1 
ATOM   219 P P     . DC  B 1 2  ? 14.187  8.427   7.544   1.00 18.24 ? 12 DC  B P     1 
ATOM   220 O OP1   . DC  B 1 2  ? 15.018  9.216   6.602   1.00 18.38 ? 12 DC  B OP1   1 
ATOM   221 O OP2   . DC  B 1 2  ? 14.542  8.525   8.993   1.00 15.72 ? 12 DC  B OP2   1 
ATOM   222 O "O5'" . DC  B 1 2  ? 12.623  8.753   7.305   1.00 11.30 ? 12 DC  B "O5'" 1 
ATOM   223 C "C5'" . DC  B 1 2  ? 11.662  7.749   7.047   1.00 10.76 ? 12 DC  B "C5'" 1 
ATOM   224 C "C4'" . DC  B 1 2  ? 11.722  7.322   5.588   1.00 13.09 ? 12 DC  B "C4'" 1 
ATOM   225 O "O4'" . DC  B 1 2  ? 11.823  5.879   5.334   1.00 14.82 ? 12 DC  B "O4'" 1 
ATOM   226 C "C3'" . DC  B 1 2  ? 10.507  7.683   4.780   1.00 12.80 ? 12 DC  B "C3'" 1 
ATOM   227 O "O3'" . DC  B 1 2  ? 11.035  7.946   3.514   1.00 9.21  ? 12 DC  B "O3'" 1 
ATOM   228 C "C2'" . DC  B 1 2  ? 9.668   6.402   4.883   1.00 12.81 ? 12 DC  B "C2'" 1 
ATOM   229 C "C1'" . DC  B 1 2  ? 10.719  5.347   4.593   1.00 12.91 ? 12 DC  B "C1'" 1 
ATOM   230 N N1    . DC  B 1 2  ? 10.480  3.956   5.123   1.00 13.40 ? 12 DC  B N1    1 
ATOM   231 C C2    . DC  B 1 2  ? 11.089  2.794   4.539   1.00 14.04 ? 12 DC  B C2    1 
ATOM   232 O O2    . DC  B 1 2  ? 11.823  2.838   3.540   1.00 14.76 ? 12 DC  B O2    1 
ATOM   233 N N3    . DC  B 1 2  ? 10.863  1.576   5.075   1.00 12.92 ? 12 DC  B N3    1 
ATOM   234 C C4    . DC  B 1 2  ? 10.082  1.482   6.150   1.00 14.29 ? 12 DC  B C4    1 
ATOM   235 N N4    . DC  B 1 2  ? 9.892   0.252   6.638   1.00 14.52 ? 12 DC  B N4    1 
ATOM   236 C C5    . DC  B 1 2  ? 9.463   2.621   6.761   1.00 13.54 ? 12 DC  B C5    1 
ATOM   237 C C6    . DC  B 1 2  ? 9.685   3.827   6.229   1.00 12.23 ? 12 DC  B C6    1 
ATOM   238 P P     . DT  B 1 3  ? 10.996  9.438   3.021   1.00 6.90  ? 13 DT  B P     1 
ATOM   239 O OP1   . DT  B 1 3  ? 12.324  10.041  3.270   1.00 9.49  ? 13 DT  B OP1   1 
ATOM   240 O OP2   . DT  B 1 3  ? 9.800   10.108  3.557   1.00 7.09  ? 13 DT  B OP2   1 
ATOM   241 O "O5'" . DT  B 1 3  ? 10.669  9.150   1.469   1.00 8.84  ? 13 DT  B "O5'" 1 
ATOM   242 C "C5'" . DT  B 1 3  ? 11.409  8.218   0.665   1.00 9.39  ? 13 DT  B "C5'" 1 
ATOM   243 C "C4'" . DT  B 1 3  ? 10.635  7.105   -0.060  1.00 10.06 ? 13 DT  B "C4'" 1 
ATOM   244 O "O4'" . DT  B 1 3  ? 10.033  6.158   0.861   1.00 9.95  ? 13 DT  B "O4'" 1 
ATOM   245 C "C3'" . DT  B 1 3  ? 9.475   7.420   -1.007  1.00 10.47 ? 13 DT  B "C3'" 1 
ATOM   246 O "O3'" . DT  B 1 3  ? 9.753   6.774   -2.258  1.00 7.82  ? 13 DT  B "O3'" 1 
ATOM   247 C "C2'" . DT  B 1 3  ? 8.281   6.774   -0.282  1.00 10.19 ? 13 DT  B "C2'" 1 
ATOM   248 C "C1'" . DT  B 1 3  ? 8.981   5.507   0.170   1.00 8.88  ? 13 DT  B "C1'" 1 
ATOM   249 N N1    . DT  B 1 3  ? 8.438   4.631   1.226   1.00 8.80  ? 13 DT  B N1    1 
ATOM   250 C C2    . DT  B 1 3  ? 8.718   3.269   1.210   1.00 9.75  ? 13 DT  B C2    1 
ATOM   251 O O2    . DT  B 1 3  ? 9.330   2.672   0.322   1.00 11.24 ? 13 DT  B O2    1 
ATOM   252 N N3    . DT  B 1 3  ? 8.212   2.588   2.279   1.00 8.51  ? 13 DT  B N3    1 
ATOM   253 C C4    . DT  B 1 3  ? 7.502   3.112   3.342   1.00 9.43  ? 13 DT  B C4    1 
ATOM   254 O O4    . DT  B 1 3  ? 7.116   2.379   4.262   1.00 10.90 ? 13 DT  B O4    1 
ATOM   255 C C5    . DT  B 1 3  ? 7.265   4.544   3.303   1.00 9.06  ? 13 DT  B C5    1 
ATOM   256 C C7    . DT  B 1 3  ? 6.461   5.262   4.359   1.00 9.16  ? 13 DT  B C7    1 
ATOM   257 C C6    . DT  B 1 3  ? 7.748   5.220   2.264   1.00 8.44  ? 13 DT  B C6    1 
ATOM   258 P P     . DA  B 1 4  ? 8.879   7.118   -3.565  1.00 10.33 ? 14 DA  B P     1 
ATOM   259 O OP1   . DA  B 1 4  ? 9.772   7.661   -4.619  1.00 5.45  ? 14 DA  B OP1   1 
ATOM   260 O OP2   . DA  B 1 4  ? 7.676   7.895   -3.148  1.00 7.43  ? 14 DA  B OP2   1 
ATOM   261 O "O5'" . DA  B 1 4  ? 8.401   5.644   -4.057  1.00 6.04  ? 14 DA  B "O5'" 1 
ATOM   262 C "C5'" . DA  B 1 4  ? 9.314   4.501   -4.001  1.00 5.59  ? 14 DA  B "C5'" 1 
ATOM   263 C "C4'" . DA  B 1 4  ? 8.709   3.146   -4.411  1.00 3.64  ? 14 DA  B "C4'" 1 
ATOM   264 O "O4'" . DA  B 1 4  ? 8.074   2.498   -3.285  1.00 2.78  ? 14 DA  B "O4'" 1 
ATOM   265 C "C3'" . DA  B 1 4  ? 7.595   3.214   -5.441  1.00 3.44  ? 14 DA  B "C3'" 1 
ATOM   266 O "O3'" . DA  B 1 4  ? 7.288   1.972   -6.008  1.00 2.00  ? 14 DA  B "O3'" 1 
ATOM   267 C "C2'" . DA  B 1 4  ? 6.439   3.609   -4.527  1.00 4.78  ? 14 DA  B "C2'" 1 
ATOM   268 C "C1'" . DA  B 1 4  ? 6.668   2.657   -3.362  1.00 2.00  ? 14 DA  B "C1'" 1 
ATOM   269 N N9    . DA  B 1 4  ? 6.088   3.207   -2.157  1.00 2.00  ? 14 DA  B N9    1 
ATOM   270 C C8    . DA  B 1 4  ? 5.826   4.520   -1.913  1.00 2.00  ? 14 DA  B C8    1 
ATOM   271 N N7    . DA  B 1 4  ? 5.277   4.738   -0.744  1.00 2.00  ? 14 DA  B N7    1 
ATOM   272 C C5    . DA  B 1 4  ? 5.158   3.475   -0.198  1.00 2.00  ? 14 DA  B C5    1 
ATOM   273 C C6    . DA  B 1 4  ? 4.643   3.017   1.026   1.00 2.00  ? 14 DA  B C6    1 
ATOM   274 N N6    . DA  B 1 4  ? 4.133   3.822   1.990   1.00 2.00  ? 14 DA  B N6    1 
ATOM   275 N N1    . DA  B 1 4  ? 4.688   1.684   1.234   1.00 2.00  ? 14 DA  B N1    1 
ATOM   276 C C2    . DA  B 1 4  ? 5.199   0.894   0.301   1.00 2.00  ? 14 DA  B C2    1 
ATOM   277 N N3    . DA  B 1 4  ? 5.691   1.223   -0.875  1.00 2.00  ? 14 DA  B N3    1 
ATOM   278 C C4    . DA  B 1 4  ? 5.647   2.531   -1.059  1.00 2.00  ? 14 DA  B C4    1 
ATOM   279 P P     . DA  B 1 5  ? 5.933   1.883   -6.854  1.00 2.00  ? 15 DA  B P     1 
ATOM   280 O OP1   . DA  B 1 5  ? 6.239   1.988   -8.292  1.00 2.00  ? 15 DA  B OP1   1 
ATOM   281 O OP2   . DA  B 1 5  ? 5.008   2.928   -6.333  1.00 2.00  ? 15 DA  B OP2   1 
ATOM   282 O "O5'" . DA  B 1 5  ? 5.506   0.347   -6.571  1.00 2.00  ? 15 DA  B "O5'" 1 
ATOM   283 C "C5'" . DA  B 1 5  ? 5.875   -0.366  -5.340  1.00 2.00  ? 15 DA  B "C5'" 1 
ATOM   284 C "C4'" . DA  B 1 5  ? 5.259   -1.751  -5.032  1.00 2.00  ? 15 DA  B "C4'" 1 
ATOM   285 O "O4'" . DA  B 1 5  ? 4.724   -1.703  -3.695  1.00 2.00  ? 15 DA  B "O4'" 1 
ATOM   286 C "C3'" . DA  B 1 5  ? 4.117   -2.335  -5.882  1.00 2.00  ? 15 DA  B "C3'" 1 
ATOM   287 O "O3'" . DA  B 1 5  ? 4.227   -3.772  -5.977  1.00 2.00  ? 15 DA  B "O3'" 1 
ATOM   288 C "C2'" . DA  B 1 5  ? 2.860   -1.847  -5.136  1.00 2.00  ? 15 DA  B "C2'" 1 
ATOM   289 C "C1'" . DA  B 1 5  ? 3.329   -1.429  -3.734  1.00 2.00  ? 15 DA  B "C1'" 1 
ATOM   290 N N9    . DA  B 1 5  ? 3.031   -0.031  -3.336  1.00 2.00  ? 15 DA  B N9    1 
ATOM   291 C C8    . DA  B 1 5  ? 3.163   1.088   -4.096  1.00 2.00  ? 15 DA  B C8    1 
ATOM   292 N N7    . DA  B 1 5  ? 2.814   2.203   -3.515  1.00 2.00  ? 15 DA  B N7    1 
ATOM   293 C C5    . DA  B 1 5  ? 2.416   1.826   -2.271  1.00 2.00  ? 15 DA  B C5    1 
ATOM   294 C C6    . DA  B 1 5  ? 1.943   2.573   -1.171  1.00 2.00  ? 15 DA  B C6    1 
ATOM   295 N N6    . DA  B 1 5  ? 1.806   3.889   -1.176  1.00 2.00  ? 15 DA  B N6    1 
ATOM   296 N N1    . DA  B 1 5  ? 1.621   1.912   -0.050  1.00 2.00  ? 15 DA  B N1    1 
ATOM   297 C C2    . DA  B 1 5  ? 1.748   0.576   -0.063  1.00 2.00  ? 15 DA  B C2    1 
ATOM   298 N N3    . DA  B 1 5  ? 2.206   -0.238  -1.024  1.00 2.00  ? 15 DA  B N3    1 
ATOM   299 C C4    . DA  B 1 5  ? 2.534   0.455   -2.133  1.00 2.00  ? 15 DA  B C4    1 
ATOM   300 P P     . DT  B 1 6  ? 3.273   -4.792  -6.819  1.00 2.71  ? 16 DT  B P     1 
ATOM   301 O OP1   . DT  B 1 6  ? 3.555   -6.183  -6.421  1.00 2.00  ? 16 DT  B OP1   1 
ATOM   302 O OP2   . DT  B 1 6  ? 3.413   -4.461  -8.257  1.00 2.23  ? 16 DT  B OP2   1 
ATOM   303 O "O5'" . DT  B 1 6  ? 1.794   -4.503  -6.298  1.00 3.39  ? 16 DT  B "O5'" 1 
ATOM   304 C "C5'" . DT  B 1 6  ? 0.776   -5.570  -6.288  1.00 3.06  ? 16 DT  B "C5'" 1 
ATOM   305 C "C4'" . DT  B 1 6  ? 0.705   -6.311  -4.951  1.00 2.00  ? 16 DT  B "C4'" 1 
ATOM   306 O "O4'" . DT  B 1 6  ? 1.023   -5.320  -3.971  1.00 2.00  ? 16 DT  B "O4'" 1 
ATOM   307 C "C3'" . DT  B 1 6  ? -0.646  -6.922  -4.575  1.00 2.00  ? 16 DT  B "C3'" 1 
ATOM   308 O "O3'" . DT  B 1 6  ? -0.557  -8.318  -4.144  1.00 2.00  ? 16 DT  B "O3'" 1 
ATOM   309 C "C2'" . DT  B 1 6  ? -1.124  -6.045  -3.431  1.00 2.00  ? 16 DT  B "C2'" 1 
ATOM   310 C "C1'" . DT  B 1 6  ? 0.058   -5.190  -2.983  1.00 2.00  ? 16 DT  B "C1'" 1 
ATOM   311 N N1    . DT  B 1 6  ? -0.265  -3.736  -2.752  1.00 2.00  ? 16 DT  B N1    1 
ATOM   312 C C2    . DT  B 1 6  ? -0.727  -3.327  -1.524  1.00 2.00  ? 16 DT  B C2    1 
ATOM   313 O O2    . DT  B 1 6  ? -0.894  -4.045  -0.561  1.00 2.00  ? 16 DT  B O2    1 
ATOM   314 N N3    . DT  B 1 6  ? -0.993  -2.005  -1.400  1.00 2.00  ? 16 DT  B N3    1 
ATOM   315 C C4    . DT  B 1 6  ? -0.855  -1.074  -2.381  1.00 2.00  ? 16 DT  B C4    1 
ATOM   316 O O4    . DT  B 1 6  ? -1.104  0.082   -2.221  1.00 2.00  ? 16 DT  B O4    1 
ATOM   317 C C5    . DT  B 1 6  ? -0.394  -1.512  -3.644  1.00 2.00  ? 16 DT  B C5    1 
ATOM   318 C C7    . DT  B 1 6  ? -0.323  -0.474  -4.727  1.00 2.00  ? 16 DT  B C7    1 
ATOM   319 C C6    . DT  B 1 6  ? -0.117  -2.825  -3.778  1.00 2.00  ? 16 DT  B C6    1 
ATOM   320 P P     . DT  B 1 7  ? -1.789  -9.234  -3.690  1.00 2.00  ? 17 DT  B P     1 
ATOM   321 O OP1   . DT  B 1 7  ? -1.929  -9.128  -2.224  1.00 2.00  ? 17 DT  B OP1   1 
ATOM   322 O OP2   . DT  B 1 7  ? -1.624  -10.591 -4.237  1.00 2.00  ? 17 DT  B OP2   1 
ATOM   323 O "O5'" . DT  B 1 7  ? -3.040  -8.492  -4.375  1.00 5.25  ? 17 DT  B "O5'" 1 
ATOM   324 C "C5'" . DT  B 1 7  ? -4.447  -8.631  -3.973  1.00 4.41  ? 17 DT  B "C5'" 1 
ATOM   325 C "C4'" . DT  B 1 7  ? -4.706  -7.952  -2.636  1.00 3.24  ? 17 DT  B "C4'" 1 
ATOM   326 O "O4'" . DT  B 1 7  ? -3.984  -6.701  -2.692  1.00 2.00  ? 17 DT  B "O4'" 1 
ATOM   327 C "C3'" . DT  B 1 7  ? -6.157  -7.631  -2.245  1.00 4.18  ? 17 DT  B "C3'" 1 
ATOM   328 O "O3'" . DT  B 1 7  ? -6.475  -7.918  -0.815  1.00 4.17  ? 17 DT  B "O3'" 1 
ATOM   329 C "C2'" . DT  B 1 7  ? -6.195  -6.128  -2.548  1.00 2.41  ? 17 DT  B "C2'" 1 
ATOM   330 C "C1'" . DT  B 1 7  ? -4.786  -5.666  -2.175  1.00 2.00  ? 17 DT  B "C1'" 1 
ATOM   331 N N1    . DT  B 1 7  ? -4.348  -4.365  -2.793  1.00 2.00  ? 17 DT  B N1    1 
ATOM   332 C C2    . DT  B 1 7  ? -4.505  -3.168  -2.112  1.00 2.00  ? 17 DT  B C2    1 
ATOM   333 O O2    . DT  B 1 7  ? -4.957  -3.010  -1.000  1.00 2.00  ? 17 DT  B O2    1 
ATOM   334 N N3    . DT  B 1 7  ? -4.089  -2.073  -2.787  1.00 2.00  ? 17 DT  B N3    1 
ATOM   335 C C4    . DT  B 1 7  ? -3.520  -2.046  -4.043  1.00 2.00  ? 17 DT  B C4    1 
ATOM   336 O O4    . DT  B 1 7  ? -3.166  -0.980  -4.542  1.00 2.00  ? 17 DT  B O4    1 
ATOM   337 C C5    . DT  B 1 7  ? -3.369  -3.314  -4.697  1.00 2.00  ? 17 DT  B C5    1 
ATOM   338 C C7    . DT  B 1 7  ? -2.883  -3.359  -6.117  1.00 2.00  ? 17 DT  B C7    1 
ATOM   339 C C6    . DT  B 1 7  ? -3.788  -4.399  -4.049  1.00 2.00  ? 17 DT  B C6    1 
ATOM   340 P P     . DA  B 1 8  ? -6.938  -9.332  -0.227  1.00 2.59  ? 18 DA  B P     1 
ATOM   341 O OP1   . DA  B 1 8  ? -5.738  -10.109 0.121   1.00 2.61  ? 18 DA  B OP1   1 
ATOM   342 O OP2   . DA  B 1 8  ? -7.916  -9.918  -1.149  1.00 4.22  ? 18 DA  B OP2   1 
ATOM   343 O "O5'" . DA  B 1 8  ? -7.796  -8.949  1.050   1.00 4.43  ? 18 DA  B "O5'" 1 
ATOM   344 C "C5'" . DA  B 1 8  ? -7.253  -8.683  2.345   1.00 3.71  ? 18 DA  B "C5'" 1 
ATOM   345 C "C4'" . DA  B 1 8  ? -8.067  -7.545  2.932   1.00 5.06  ? 18 DA  B "C4'" 1 
ATOM   346 O "O4'" . DA  B 1 8  ? -7.823  -6.334  2.160   1.00 4.35  ? 18 DA  B "O4'" 1 
ATOM   347 C "C3'" . DA  B 1 8  ? -9.596  -7.707  2.887   1.00 5.38  ? 18 DA  B "C3'" 1 
ATOM   348 O "O3'" . DA  B 1 8  ? -10.111 -7.131  4.050   1.00 5.27  ? 18 DA  B "O3'" 1 
ATOM   349 C "C2'" . DA  B 1 8  ? -9.999  -6.854  1.682   1.00 5.11  ? 18 DA  B "C2'" 1 
ATOM   350 C "C1'" . DA  B 1 8  ? -9.031  -5.689  1.823   1.00 2.00  ? 18 DA  B "C1'" 1 
ATOM   351 N N9    . DA  B 1 8  ? -8.774  -5.043  0.558   1.00 2.00  ? 18 DA  B N9    1 
ATOM   352 C C8    . DA  B 1 8  ? -8.602  -5.703  -0.624  1.00 2.00  ? 18 DA  B C8    1 
ATOM   353 N N7    . DA  B 1 8  ? -8.370  -4.927  -1.656  1.00 2.00  ? 18 DA  B N7    1 
ATOM   354 C C5    . DA  B 1 8  ? -8.382  -3.670  -1.088  1.00 2.00  ? 18 DA  B C5    1 
ATOM   355 C C6    . DA  B 1 8  ? -8.194  -2.431  -1.669  1.00 2.00  ? 18 DA  B C6    1 
ATOM   356 N N6    . DA  B 1 8  ? -7.934  -2.338  -2.965  1.00 2.00  ? 18 DA  B N6    1 
ATOM   357 N N1    . DA  B 1 8  ? -8.266  -1.341  -0.877  1.00 2.00  ? 18 DA  B N1    1 
ATOM   358 C C2    . DA  B 1 8  ? -8.526  -1.517  0.427   1.00 2.00  ? 18 DA  B C2    1 
ATOM   359 N N3    . DA  B 1 8  ? -8.730  -2.652  1.097   1.00 2.00  ? 18 DA  B N3    1 
ATOM   360 C C4    . DA  B 1 8  ? -8.630  -3.705  0.270   1.00 2.00  ? 18 DA  B C4    1 
ATOM   361 P P     . DG  B 1 9  ? -11.646 -6.826  4.254   1.00 3.78  ? 19 DG  B P     1 
ATOM   362 O OP1   . DG  B 1 9  ? -11.804 -7.015  5.718   1.00 5.25  ? 19 DG  B OP1   1 
ATOM   363 O OP2   . DG  B 1 9  ? -12.419 -7.633  3.276   1.00 2.28  ? 19 DG  B OP2   1 
ATOM   364 O "O5'" . DG  B 1 9  ? -11.818 -5.294  3.919   1.00 2.00  ? 19 DG  B "O5'" 1 
ATOM   365 C "C5'" . DG  B 1 9  ? -12.868 -4.572  4.497   1.00 2.00  ? 19 DG  B "C5'" 1 
ATOM   366 C "C4'" . DG  B 1 9  ? -12.408 -3.131  4.498   1.00 2.00  ? 19 DG  B "C4'" 1 
ATOM   367 O "O4'" . DG  B 1 9  ? -11.522 -2.877  3.386   1.00 2.00  ? 19 DG  B "O4'" 1 
ATOM   368 C "C3'" . DG  B 1 9  ? -13.429 -2.024  4.368   1.00 2.00  ? 19 DG  B "C3'" 1 
ATOM   369 O "O3'" . DG  B 1 9  ? -12.720 -0.898  4.611   1.00 5.78  ? 19 DG  B "O3'" 1 
ATOM   370 C "C2'" . DG  B 1 9  ? -13.603 -2.009  2.887   1.00 2.00  ? 19 DG  B "C2'" 1 
ATOM   371 C "C1'" . DG  B 1 9  ? -12.157 -2.052  2.427   1.00 2.00  ? 19 DG  B "C1'" 1 
ATOM   372 N N9    . DG  B 1 9  ? -12.033 -2.695  1.128   1.00 2.00  ? 19 DG  B N9    1 
ATOM   373 C C8    . DG  B 1 9  ? -12.071 -4.051  0.950   1.00 2.00  ? 19 DG  B C8    1 
ATOM   374 N N7    . DG  B 1 9  ? -11.945 -4.421  -0.279  1.00 2.00  ? 19 DG  B N7    1 
ATOM   375 C C5    . DG  B 1 9  ? -11.825 -3.234  -0.971  1.00 2.00  ? 19 DG  B C5    1 
ATOM   376 C C6    . DG  B 1 9  ? -11.655 -3.057  -2.338  1.00 2.00  ? 19 DG  B C6    1 
ATOM   377 O O6    . DG  B 1 9  ? -11.601 -3.933  -3.206  1.00 2.00  ? 19 DG  B O6    1 
ATOM   378 N N1    . DG  B 1 9  ? -11.549 -1.739  -2.677  1.00 2.00  ? 19 DG  B N1    1 
ATOM   379 C C2    . DG  B 1 9  ? -11.605 -0.696  -1.809  1.00 2.00  ? 19 DG  B C2    1 
ATOM   380 N N2    . DG  B 1 9  ? -11.491 0.509   -2.390  1.00 2.00  ? 19 DG  B N2    1 
ATOM   381 N N3    . DG  B 1 9  ? -11.765 -0.840  -0.485  1.00 2.00  ? 19 DG  B N3    1 
ATOM   382 C C4    . DG  B 1 9  ? -11.869 -2.149  -0.133  1.00 2.00  ? 19 DG  B C4    1 
ATOM   383 P P     . DG  B 1 10 ? -13.457 0.261   5.338   1.00 12.46 ? 20 DG  B P     1 
ATOM   384 O OP1   . DG  B 1 10 ? -12.507 0.964   6.228   1.00 11.04 ? 20 DG  B OP1   1 
ATOM   385 O OP2   . DG  B 1 10 ? -14.710 -0.354  5.851   1.00 13.88 ? 20 DG  B OP2   1 
ATOM   386 O "O5'" . DG  B 1 10 ? -13.917 1.195   4.131   1.00 14.54 ? 20 DG  B "O5'" 1 
ATOM   387 C "C5'" . DG  B 1 10 ? -13.315 2.423   3.731   1.00 16.69 ? 20 DG  B "C5'" 1 
ATOM   388 C "C4'" . DG  B 1 10 ? -14.404 3.109   2.925   1.00 19.18 ? 20 DG  B "C4'" 1 
ATOM   389 O "O4'" . DG  B 1 10 ? -14.412 2.610   1.548   1.00 18.51 ? 20 DG  B "O4'" 1 
ATOM   390 C "C3'" . DG  B 1 10 ? -15.744 2.751   3.559   1.00 19.77 ? 20 DG  B "C3'" 1 
ATOM   391 O "O3'" . DG  B 1 10 ? -16.662 3.861   3.708   1.00 19.55 ? 20 DG  B "O3'" 1 
ATOM   392 C "C2'" . DG  B 1 10 ? -16.217 1.566   2.700   1.00 20.10 ? 20 DG  B "C2'" 1 
ATOM   393 C "C1'" . DG  B 1 10 ? -15.528 1.765   1.337   1.00 19.17 ? 20 DG  B "C1'" 1 
ATOM   394 N N9    . DG  B 1 10 ? -15.298 0.519   0.546   1.00 19.08 ? 20 DG  B N9    1 
ATOM   395 C C8    . DG  B 1 10 ? -15.415 -0.777  0.988   1.00 19.34 ? 20 DG  B C8    1 
ATOM   396 N N7    . DG  B 1 10 ? -15.201 -1.691  0.090   1.00 19.59 ? 20 DG  B N7    1 
ATOM   397 C C5    . DG  B 1 10 ? -14.946 -0.969  -1.056  1.00 19.26 ? 20 DG  B C5    1 
ATOM   398 C C6    . DG  B 1 10 ? -14.633 -1.438  -2.367  1.00 19.45 ? 20 DG  B C6    1 
ATOM   399 O O6    . DG  B 1 10 ? -14.532 -2.624  -2.750  1.00 19.48 ? 20 DG  B O6    1 
ATOM   400 N N1    . DG  B 1 10 ? -14.435 -0.370  -3.257  1.00 19.48 ? 20 DG  B N1    1 
ATOM   401 C C2    . DG  B 1 10 ? -14.536 0.974   -2.898  1.00 20.15 ? 20 DG  B C2    1 
ATOM   402 N N2    . DG  B 1 10 ? -14.337 1.898   -3.854  1.00 19.56 ? 20 DG  B N2    1 
ATOM   403 N N3    . DG  B 1 10 ? -14.821 1.402   -1.664  1.00 19.78 ? 20 DG  B N3    1 
ATOM   404 C C4    . DG  B 1 10 ? -15.006 0.384   -0.791  1.00 18.68 ? 20 DG  B C4    1 
HETATM 405 O O     . HOH C 2 .  ? -1.137  -3.588  8.141   1.00 2.00  ? 21 HOH A O     1 
HETATM 406 O O     . HOH C 2 .  ? -1.887  6.784   -4.271  1.00 2.71  ? 23 HOH A O     1 
HETATM 407 O O     . HOH C 2 .  ? 1.058   3.758   9.387   1.00 2.00  ? 24 HOH A O     1 
HETATM 408 O O     . HOH C 2 .  ? -9.547  0.216   -13.497 1.00 2.00  ? 25 HOH A O     1 
HETATM 409 O O     . HOH C 2 .  ? 6.720   -10.439 5.768   1.00 2.00  ? 28 HOH A O     1 
HETATM 410 O O     . HOH C 2 .  ? 7.693   -6.321  6.510   1.00 14.44 ? 29 HOH A O     1 
HETATM 411 O O     . HOH C 2 .  ? -3.740  6.407   2.726   1.00 2.00  ? 35 HOH A O     1 
HETATM 412 O O     . HOH C 2 .  ? 18.581  -3.994  -3.990  1.00 2.00  ? 36 HOH A O     1 
HETATM 413 O O     . HOH C 2 .  ? -8.109  -4.956  -6.557  1.00 30.38 ? 37 HOH A O     1 
HETATM 414 O O     . HOH C 2 .  ? 16.849  2.474   -3.631  1.00 2.53  ? 38 HOH A O     1 
HETATM 415 O O     . HOH C 2 .  ? 1.036   -2.057  8.059   1.00 10.73 ? 42 HOH A O     1 
HETATM 416 O O     . HOH C 2 .  ? 1.718   -9.015  2.484   1.00 21.75 ? 45 HOH A O     1 
HETATM 417 O O     . HOH D 2 .  ? 13.668  -3.126  7.484   1.00 2.00  ? 22 HOH B O     1 
HETATM 418 O O     . HOH D 2 .  ? -16.818 2.670   -4.814  1.00 9.35  ? 31 HOH B O     1 
HETATM 419 O O     . HOH D 2 .  ? -3.269  -0.408  -7.773  1.00 2.00  ? 32 HOH B O     1 
HETATM 420 O O     . HOH D 2 .  ? -2.274  -3.111  0.939   1.00 14.79 ? 33 HOH B O     1 
HETATM 421 O O     . HOH D 2 .  ? 7.006   -1.573  -3.299  1.00 2.00  ? 39 HOH B O     1 
HETATM 422 O O     . HOH D 2 .  ? -15.152 -1.636  8.826   1.00 11.90 ? 40 HOH B O     1 
HETATM 423 O O     . HOH D 2 .  ? 6.012   9.167   -2.156  1.00 11.85 ? 41 HOH B O     1 
HETATM 424 O O     . HOH D 2 .  ? 10.612  4.023   12.358  1.00 8.14  ? 43 HOH B O     1 
HETATM 425 O O     . HOH D 2 .  ? -12.782 -8.157  8.591   1.00 9.95  ? 44 HOH B O     1 
# 
